data_7KVO
#
_entry.id   7KVO
#
_cell.length_a   92.882
_cell.length_b   98.084
_cell.length_c   126.772
_cell.angle_alpha   90.00
_cell.angle_beta   92.98
_cell.angle_gamma   90.00
#
_symmetry.space_group_name_H-M   'I 1 2 1'
#
loop_
_entity.id
_entity.type
_entity.pdbx_description
1 polymer 'Cytochrome P450 3A4'
2 non-polymer 'PROTOPORPHYRIN IX CONTAINING FE'
3 non-polymer 'SULFATE ION'
4 non-polymer 'tert-butyl [(2S)-1-(naphthalen-1-yl)-3-{[(2R)-1-oxo-3-phenyl-1-{[3-(pyridin-3-yl)propyl]amino}propan-2-yl]sulfanyl}propan-2-yl]carbamate'
#
_entity_poly.entity_id   1
_entity_poly.type   'polypeptide(L)'
_entity_poly.pdbx_seq_one_letter_code
;MAYLYGTHSHGLFKKLGIPGPTPLPFLGNILSYHKGFCMFDMECHKKYGKVWGFYDGQQPVLAITDPDMIKTVLVKECYS
VFTNRRPFGPVGFMKSAISIAEDEEWKRLRSLLSPTFTSGKLKEMVPIIAQYGDVLVRNLRREAETGKPVTLKDVFGAYS
MDVITSTSFGVNIDSLNNPQDPFVENTKKLLRFDFLDPFFLSITVFPFLIPILEVLNICVFPREVTNFLRKSVKRMKESR
LEDTQKHRVDFLQLMIDSQNSKETESHKALSDLELVAQSIIFIFAGYETTSSVLSFIMYELATHPDVQQKLQEEIDAVLP
NKAPPTYDTVLQMEYLDMVVNETLRLFPIAMRLERVCKKDVEINGMFIPKGVVVMIPSYALHRDPKYWTEPEKFLPERFS
KKNKDNIDPYIYTPFGSGPRNCIGMRFALMNMKLALIRVLQNFSFKPCKETQIPLKLSLGGLLQPEKPVVLKVESRDGTV
SGAHHHH
;
_entity_poly.pdbx_strand_id   A,B
#
loop_
_chem_comp.id
_chem_comp.type
_chem_comp.name
_chem_comp.formula
HEM non-polymer 'PROTOPORPHYRIN IX CONTAINING FE' 'C34 H32 Fe N4 O4'
SO4 non-polymer 'SULFATE ION' 'O4 S -2'
X6S non-polymer 'tert-butyl [(2S)-1-(naphthalen-1-yl)-3-{[(2R)-1-oxo-3-phenyl-1-{[3-(pyridin-3-yl)propyl]amino}propan-2-yl]sulfanyl}propan-2-yl]carbamate' 'C35 H41 N3 O3 S'
#
# COMPACT_ATOMS: atom_id res chain seq x y z
N SER A 9 6.24 11.99 -41.84
CA SER A 9 6.71 11.85 -40.47
C SER A 9 7.96 10.98 -40.38
N HIS A 10 8.39 10.38 -41.49
CA HIS A 10 9.61 9.57 -41.48
C HIS A 10 10.88 10.40 -41.46
N GLY A 11 10.79 11.71 -41.28
CA GLY A 11 11.98 12.53 -41.19
C GLY A 11 12.10 13.14 -39.81
N LEU A 12 11.36 12.56 -38.85
CA LEU A 12 11.30 13.15 -37.51
C LEU A 12 12.64 13.03 -36.80
N PHE A 13 13.21 11.83 -36.75
CA PHE A 13 14.44 11.64 -35.99
C PHE A 13 15.65 12.25 -36.68
N LYS A 14 15.60 12.39 -38.01
CA LYS A 14 16.63 13.19 -38.69
C LYS A 14 16.51 14.66 -38.31
N LYS A 15 15.28 15.16 -38.21
CA LYS A 15 15.07 16.54 -37.75
C LYS A 15 15.65 16.74 -36.36
N LEU A 16 15.27 15.88 -35.43
CA LEU A 16 15.76 15.96 -34.05
C LEU A 16 17.21 15.48 -33.90
N GLY A 17 17.84 15.02 -34.98
CA GLY A 17 19.20 14.53 -34.89
C GLY A 17 19.38 13.28 -34.08
N ILE A 18 18.35 12.43 -34.03
CA ILE A 18 18.36 11.20 -33.24
C ILE A 18 18.62 10.03 -34.20
N PRO A 19 19.64 9.21 -33.96
CA PRO A 19 19.97 8.15 -34.92
C PRO A 19 18.93 7.04 -34.92
N GLY A 20 19.03 6.19 -35.94
CA GLY A 20 18.13 5.07 -36.08
C GLY A 20 18.17 4.45 -37.46
N PRO A 21 17.61 3.25 -37.59
CA PRO A 21 17.60 2.58 -38.89
C PRO A 21 16.69 3.30 -39.88
N THR A 22 17.11 3.32 -41.13
CA THR A 22 16.35 4.02 -42.16
C THR A 22 15.03 3.29 -42.42
N PRO A 23 13.89 3.97 -42.32
CA PRO A 23 12.61 3.32 -42.52
C PRO A 23 12.16 3.27 -43.98
N LEU A 24 11.54 2.16 -44.34
CA LEU A 24 10.90 2.02 -45.64
C LEU A 24 9.57 2.76 -45.63
N PRO A 25 9.09 3.19 -46.80
CA PRO A 25 7.78 3.84 -46.85
C PRO A 25 6.67 2.88 -46.43
N PHE A 26 5.67 3.41 -45.73
CA PHE A 26 4.52 2.66 -45.23
C PHE A 26 4.94 1.70 -44.12
N LEU A 27 5.89 0.80 -44.42
CA LEU A 27 6.29 -0.21 -43.44
C LEU A 27 7.13 0.31 -42.30
N GLY A 28 7.84 1.42 -42.47
CA GLY A 28 8.76 1.85 -41.44
C GLY A 28 9.90 0.85 -41.30
N ASN A 29 10.10 0.36 -40.07
CA ASN A 29 11.17 -0.59 -39.79
C ASN A 29 10.67 -1.97 -39.37
N ILE A 30 9.36 -2.24 -39.52
CA ILE A 30 8.80 -3.48 -39.00
C ILE A 30 9.39 -4.72 -39.68
N LEU A 31 10.00 -4.56 -40.85
CA LEU A 31 10.68 -5.71 -41.46
C LEU A 31 11.85 -6.18 -40.60
N SER A 32 12.47 -5.28 -39.85
CA SER A 32 13.58 -5.63 -38.97
C SER A 32 13.15 -6.49 -37.79
N TYR A 33 11.85 -6.73 -37.61
CA TYR A 33 11.33 -7.58 -36.56
C TYR A 33 11.42 -9.06 -36.89
N HIS A 34 12.10 -9.44 -37.97
CA HIS A 34 12.13 -10.85 -38.39
C HIS A 34 12.88 -11.72 -37.40
N LYS A 35 13.71 -11.15 -36.55
CA LYS A 35 14.32 -11.86 -35.43
C LYS A 35 13.59 -11.62 -34.12
N GLY A 36 12.56 -10.77 -34.12
CA GLY A 36 11.81 -10.44 -32.92
C GLY A 36 12.17 -9.07 -32.38
N PHE A 37 11.32 -8.61 -31.46
CA PHE A 37 11.57 -7.33 -30.79
C PHE A 37 12.94 -7.33 -30.11
N CYS A 38 13.31 -8.46 -29.51
CA CYS A 38 14.46 -8.49 -28.61
C CYS A 38 15.78 -8.36 -29.38
N MET A 39 15.93 -9.10 -30.48
CA MET A 39 17.17 -8.98 -31.24
C MET A 39 17.28 -7.63 -31.94
N PHE A 40 16.13 -7.07 -32.35
CA PHE A 40 16.13 -5.73 -32.95
C PHE A 40 16.58 -4.67 -31.96
N ASP A 41 16.13 -4.77 -30.69
CA ASP A 41 16.48 -3.77 -29.70
C ASP A 41 17.95 -3.87 -29.29
N MET A 42 18.49 -5.09 -29.22
CA MET A 42 19.89 -5.26 -28.88
CA MET A 42 19.89 -5.25 -28.88
C MET A 42 20.80 -4.64 -29.95
N GLU A 43 20.58 -5.01 -31.21
CA GLU A 43 21.40 -4.49 -32.30
C GLU A 43 21.37 -2.98 -32.35
N CYS A 44 20.17 -2.39 -32.31
CA CYS A 44 20.04 -0.93 -32.37
C CYS A 44 20.77 -0.27 -31.21
N HIS A 45 20.67 -0.84 -30.01
CA HIS A 45 21.40 -0.30 -28.88
C HIS A 45 22.90 -0.34 -29.12
N LYS A 46 23.39 -1.40 -29.79
CA LYS A 46 24.82 -1.49 -30.09
C LYS A 46 25.20 -0.57 -31.23
N LYS A 47 24.34 -0.47 -32.25
CA LYS A 47 24.67 0.34 -33.42
C LYS A 47 24.63 1.83 -33.09
N TYR A 48 23.69 2.26 -32.25
CA TYR A 48 23.35 3.67 -32.12
C TYR A 48 23.59 4.28 -30.75
N GLY A 49 23.73 3.47 -29.70
CA GLY A 49 24.08 4.01 -28.40
C GLY A 49 22.93 4.19 -27.45
N LYS A 50 22.91 5.35 -26.77
CA LYS A 50 22.01 5.57 -25.65
C LYS A 50 20.59 5.92 -26.06
N VAL A 51 20.39 6.43 -27.28
CA VAL A 51 19.08 6.90 -27.72
C VAL A 51 18.99 6.71 -29.23
N TRP A 52 17.88 6.12 -29.68
CA TRP A 52 17.65 5.92 -31.10
C TRP A 52 16.16 5.92 -31.38
N GLY A 53 15.82 6.10 -32.65
CA GLY A 53 14.43 6.16 -33.05
C GLY A 53 14.16 5.26 -34.24
N PHE A 54 12.90 4.82 -34.32
CA PHE A 54 12.43 3.99 -35.43
C PHE A 54 10.93 4.19 -35.54
N TYR A 55 10.33 3.57 -36.55
CA TYR A 55 8.93 3.78 -36.87
C TYR A 55 8.21 2.44 -36.99
N ASP A 56 7.11 2.29 -36.24
CA ASP A 56 6.22 1.14 -36.37
C ASP A 56 5.11 1.53 -37.33
N GLY A 57 5.43 1.48 -38.61
CA GLY A 57 4.60 2.05 -39.66
C GLY A 57 4.87 3.55 -39.85
N GLN A 58 3.91 4.36 -39.43
CA GLN A 58 4.09 5.81 -39.37
C GLN A 58 4.21 6.30 -37.93
N GLN A 59 4.36 5.39 -36.98
CA GLN A 59 4.41 5.74 -35.56
C GLN A 59 5.87 5.88 -35.11
N PRO A 60 6.36 7.09 -34.87
CA PRO A 60 7.72 7.23 -34.34
C PRO A 60 7.82 6.63 -32.95
N VAL A 61 8.88 5.85 -32.75
CA VAL A 61 9.17 5.24 -31.46
C VAL A 61 10.59 5.64 -31.05
N LEU A 62 10.69 6.37 -29.94
CA LEU A 62 11.98 6.80 -29.41
C LEU A 62 12.37 5.87 -28.26
N ALA A 63 13.50 5.18 -28.41
CA ALA A 63 14.02 4.29 -27.39
C ALA A 63 15.04 5.02 -26.53
N ILE A 64 14.84 4.98 -25.21
CA ILE A 64 15.74 5.62 -24.25
C ILE A 64 16.33 4.56 -23.34
N THR A 65 17.62 4.70 -23.05
CA THR A 65 18.32 3.77 -22.16
C THR A 65 18.97 4.46 -20.97
N ASP A 66 18.81 5.77 -20.83
CA ASP A 66 19.47 6.48 -19.74
C ASP A 66 18.64 6.37 -18.47
N PRO A 67 19.22 5.90 -17.36
CA PRO A 67 18.44 5.72 -16.12
C PRO A 67 17.71 6.97 -15.67
N ASP A 68 18.34 8.14 -15.73
CA ASP A 68 17.67 9.37 -15.31
C ASP A 68 16.45 9.66 -16.18
N MET A 69 16.60 9.49 -17.50
CA MET A 69 15.50 9.74 -18.42
C MET A 69 14.38 8.74 -18.20
N ILE A 70 14.71 7.48 -17.91
CA ILE A 70 13.71 6.46 -17.66
C ILE A 70 12.90 6.79 -16.42
N LYS A 71 13.56 7.30 -15.37
CA LYS A 71 12.84 7.67 -14.16
C LYS A 71 11.88 8.82 -14.42
N THR A 72 12.26 9.75 -15.29
CA THR A 72 11.36 10.86 -15.63
C THR A 72 10.10 10.36 -16.32
N VAL A 73 10.26 9.47 -17.32
CA VAL A 73 9.12 8.98 -18.09
C VAL A 73 8.23 8.09 -17.24
N LEU A 74 8.83 7.16 -16.49
CA LEU A 74 8.03 6.17 -15.77
C LEU A 74 7.49 6.69 -14.44
N VAL A 75 8.21 7.62 -13.80
CA VAL A 75 7.86 8.00 -12.43
C VAL A 75 7.50 9.49 -12.35
N LYS A 76 8.43 10.34 -12.78
CA LYS A 76 8.27 11.77 -12.53
C LYS A 76 7.14 12.37 -13.37
N GLU A 77 7.16 12.16 -14.69
CA GLU A 77 6.19 12.76 -15.58
C GLU A 77 5.09 11.78 -16.00
N CYS A 78 4.74 10.83 -15.13
CA CYS A 78 3.71 9.86 -15.47
C CYS A 78 2.34 10.52 -15.58
N TYR A 79 1.85 11.09 -14.46
CA TYR A 79 0.50 11.63 -14.43
C TYR A 79 0.31 12.81 -15.37
N SER A 80 1.39 13.49 -15.74
CA SER A 80 1.28 14.71 -16.55
C SER A 80 1.57 14.48 -18.03
N VAL A 81 2.48 13.57 -18.39
CA VAL A 81 2.92 13.45 -19.78
C VAL A 81 2.82 12.00 -20.27
N PHE A 82 3.48 11.09 -19.58
CA PHE A 82 3.57 9.69 -19.99
C PHE A 82 2.61 8.85 -19.17
N THR A 83 1.31 9.07 -19.39
CA THR A 83 0.27 8.42 -18.62
C THR A 83 -0.21 7.12 -19.24
N ASN A 84 -0.23 7.02 -20.56
CA ASN A 84 -0.86 5.91 -21.26
C ASN A 84 0.17 5.13 -22.07
N ARG A 85 -0.22 3.92 -22.45
CA ARG A 85 0.55 3.08 -23.35
C ARG A 85 0.07 3.25 -24.78
N ARG A 86 0.83 2.69 -25.71
CA ARG A 86 0.48 2.75 -27.13
C ARG A 86 -0.93 2.18 -27.33
N PRO A 87 -1.78 2.87 -28.09
CA PRO A 87 -3.17 2.41 -28.24
C PRO A 87 -3.23 1.00 -28.82
N PHE A 88 -4.04 0.15 -28.19
CA PHE A 88 -4.17 -1.25 -28.55
C PHE A 88 -5.63 -1.55 -28.86
N GLY A 89 -5.91 -1.87 -30.11
CA GLY A 89 -7.25 -2.21 -30.53
C GLY A 89 -7.26 -3.13 -31.74
N PRO A 90 -8.45 -3.56 -32.19
CA PRO A 90 -9.76 -3.32 -31.58
C PRO A 90 -9.98 -4.17 -30.32
N VAL A 91 -10.66 -3.62 -29.32
CA VAL A 91 -10.75 -4.29 -28.02
C VAL A 91 -12.21 -4.39 -27.55
N GLY A 92 -13.12 -3.67 -28.21
CA GLY A 92 -14.52 -3.72 -27.79
C GLY A 92 -14.72 -3.22 -26.37
N PHE A 93 -15.48 -3.99 -25.58
CA PHE A 93 -15.72 -3.60 -24.20
C PHE A 93 -14.46 -3.68 -23.35
N MET A 94 -13.44 -4.42 -23.79
CA MET A 94 -12.19 -4.53 -23.05
C MET A 94 -11.40 -3.23 -23.00
N LYS A 95 -11.89 -2.17 -23.65
CA LYS A 95 -11.24 -0.86 -23.53
C LYS A 95 -11.26 -0.34 -22.10
N SER A 96 -12.14 -0.88 -21.24
CA SER A 96 -12.24 -0.48 -19.85
C SER A 96 -11.26 -1.21 -18.95
N ALA A 97 -10.55 -2.21 -19.48
CA ALA A 97 -9.56 -2.92 -18.69
C ALA A 97 -8.47 -1.97 -18.22
N ILE A 98 -7.98 -2.19 -16.99
CA ILE A 98 -7.05 -1.25 -16.37
C ILE A 98 -5.81 -1.09 -17.22
N SER A 99 -5.28 -2.20 -17.75
CA SER A 99 -4.05 -2.12 -18.51
C SER A 99 -4.24 -1.37 -19.82
N ILE A 100 -5.48 -1.28 -20.30
CA ILE A 100 -5.75 -0.59 -21.55
C ILE A 100 -6.35 0.80 -21.33
N ALA A 101 -6.90 1.06 -20.15
CA ALA A 101 -7.55 2.33 -19.88
C ALA A 101 -6.55 3.49 -19.99
N GLU A 102 -7.09 4.71 -20.10
CA GLU A 102 -6.28 5.89 -20.31
C GLU A 102 -6.79 7.04 -19.45
N ASP A 103 -5.85 7.84 -18.94
CA ASP A 103 -6.12 9.13 -18.28
C ASP A 103 -7.04 8.90 -17.09
N GLU A 104 -8.18 9.57 -17.00
CA GLU A 104 -8.97 9.56 -15.77
C GLU A 104 -9.52 8.18 -15.47
N GLU A 105 -9.99 7.46 -16.49
CA GLU A 105 -10.54 6.13 -16.26
C GLU A 105 -9.50 5.19 -15.69
N TRP A 106 -8.22 5.40 -16.01
CA TRP A 106 -7.17 4.57 -15.42
C TRP A 106 -6.93 4.95 -13.96
N LYS A 107 -6.88 6.25 -13.67
CA LYS A 107 -6.69 6.69 -12.29
C LYS A 107 -7.79 6.17 -11.38
N ARG A 108 -9.04 6.26 -11.85
CA ARG A 108 -10.16 5.66 -11.12
C ARG A 108 -9.92 4.19 -10.83
N LEU A 109 -9.58 3.41 -11.85
CA LEU A 109 -9.53 1.96 -11.70
C LEU A 109 -8.31 1.52 -10.90
N ARG A 110 -7.17 2.17 -11.10
CA ARG A 110 -5.96 1.81 -10.34
C ARG A 110 -6.19 1.97 -8.84
N SER A 111 -6.76 3.11 -8.44
CA SER A 111 -7.05 3.33 -7.03
C SER A 111 -8.04 2.29 -6.51
N LEU A 112 -9.05 1.95 -7.32
CA LEU A 112 -10.07 1.00 -6.88
C LEU A 112 -9.51 -0.40 -6.70
N LEU A 113 -8.53 -0.79 -7.51
CA LEU A 113 -8.00 -2.14 -7.51
C LEU A 113 -6.68 -2.27 -6.75
N SER A 114 -6.12 -1.17 -6.27
CA SER A 114 -4.94 -1.25 -5.41
C SER A 114 -5.17 -2.09 -4.16
N PRO A 115 -6.28 -1.92 -3.38
CA PRO A 115 -6.41 -2.66 -2.11
C PRO A 115 -6.54 -4.16 -2.26
N THR A 116 -6.54 -4.66 -3.50
CA THR A 116 -6.55 -6.10 -3.71
C THR A 116 -5.22 -6.75 -3.37
N PHE A 117 -4.11 -5.99 -3.47
CA PHE A 117 -2.79 -6.58 -3.27
C PHE A 117 -2.01 -5.88 -2.16
N THR A 118 -2.67 -5.65 -1.02
CA THR A 118 -1.94 -5.23 0.16
C THR A 118 -1.28 -6.46 0.80
N SER A 119 -0.24 -6.22 1.60
CA SER A 119 0.40 -7.31 2.32
C SER A 119 -0.58 -8.05 3.23
N GLY A 120 -1.67 -7.39 3.64
CA GLY A 120 -2.72 -8.04 4.39
C GLY A 120 -3.62 -8.91 3.53
N LYS A 121 -4.04 -8.39 2.38
CA LYS A 121 -4.82 -9.21 1.45
C LYS A 121 -3.99 -10.33 0.82
N LEU A 122 -2.67 -10.15 0.75
CA LEU A 122 -1.80 -11.21 0.25
C LEU A 122 -1.59 -12.31 1.28
N LYS A 123 -1.24 -11.91 2.51
CA LYS A 123 -1.07 -12.83 3.64
C LYS A 123 -2.30 -13.72 3.78
N GLU A 124 -3.47 -13.16 3.50
CA GLU A 124 -4.73 -13.91 3.56
C GLU A 124 -4.88 -14.92 2.43
N MET A 125 -3.96 -14.95 1.45
CA MET A 125 -4.09 -15.86 0.32
C MET A 125 -3.11 -17.03 0.36
N VAL A 126 -2.11 -16.98 1.24
CA VAL A 126 -1.18 -18.11 1.37
C VAL A 126 -1.89 -19.41 1.72
N PRO A 127 -2.82 -19.45 2.69
CA PRO A 127 -3.54 -20.71 2.94
C PRO A 127 -4.34 -21.19 1.74
N ILE A 128 -4.90 -20.28 0.94
CA ILE A 128 -5.65 -20.69 -0.25
C ILE A 128 -4.71 -21.27 -1.30
N ILE A 129 -3.58 -20.59 -1.54
CA ILE A 129 -2.58 -21.13 -2.45
C ILE A 129 -1.95 -22.39 -1.88
N ALA A 130 -1.87 -22.49 -0.55
CA ALA A 130 -1.34 -23.68 0.09
C ALA A 130 -2.12 -24.93 -0.28
N GLN A 131 -3.38 -24.79 -0.72
CA GLN A 131 -4.12 -25.95 -1.20
C GLN A 131 -3.58 -26.44 -2.53
N TYR A 132 -3.44 -25.55 -3.51
CA TYR A 132 -3.05 -25.95 -4.85
C TYR A 132 -1.54 -26.15 -4.99
N GLY A 133 -0.76 -25.81 -3.98
CA GLY A 133 0.64 -26.21 -3.97
C GLY A 133 0.78 -27.71 -3.79
N ASP A 134 0.02 -28.27 -2.84
CA ASP A 134 0.01 -29.72 -2.65
C ASP A 134 -0.56 -30.43 -3.86
N VAL A 135 -1.54 -29.84 -4.53
CA VAL A 135 -2.11 -30.45 -5.72
C VAL A 135 -1.09 -30.51 -6.85
N LEU A 136 -0.35 -29.41 -7.05
CA LEU A 136 0.72 -29.38 -8.04
C LEU A 136 1.73 -30.50 -7.80
N VAL A 137 1.96 -30.85 -6.55
CA VAL A 137 2.92 -31.91 -6.24
C VAL A 137 2.36 -33.28 -6.60
N ARG A 138 1.11 -33.53 -6.21
CA ARG A 138 0.50 -34.84 -6.46
C ARG A 138 0.45 -35.14 -7.95
N ASN A 139 0.16 -34.13 -8.77
CA ASN A 139 0.21 -34.31 -10.22
C ASN A 139 1.65 -34.49 -10.70
N LEU A 140 2.62 -33.91 -10.00
CA LEU A 140 4.02 -34.09 -10.36
C LEU A 140 4.53 -35.47 -9.96
N ARG A 141 4.14 -35.93 -8.79
CA ARG A 141 4.56 -37.24 -8.29
C ARG A 141 4.16 -38.34 -9.27
N ARG A 142 2.97 -38.21 -9.85
CA ARG A 142 2.48 -39.21 -10.80
C ARG A 142 3.40 -39.32 -12.01
N GLU A 143 3.84 -38.18 -12.53
CA GLU A 143 4.74 -38.15 -13.68
C GLU A 143 6.18 -38.38 -13.26
N ALA A 144 6.40 -38.53 -11.96
CA ALA A 144 7.74 -38.77 -11.43
C ALA A 144 7.97 -40.24 -11.12
N GLU A 145 6.92 -40.89 -10.62
CA GLU A 145 7.00 -42.31 -10.27
C GLU A 145 7.29 -43.17 -11.50
N THR A 146 7.08 -42.58 -12.68
CA THR A 146 7.32 -43.29 -13.94
C THR A 146 8.17 -42.41 -14.83
N GLY A 147 9.34 -42.92 -15.22
CA GLY A 147 10.23 -42.21 -16.11
C GLY A 147 9.54 -41.69 -17.36
N LYS A 148 9.33 -40.38 -17.41
CA LYS A 148 8.65 -39.73 -18.52
C LYS A 148 8.85 -38.22 -18.46
N PRO A 149 9.06 -37.54 -19.60
CA PRO A 149 9.16 -36.08 -19.56
C PRO A 149 7.87 -35.44 -19.06
N VAL A 150 7.98 -34.18 -18.66
CA VAL A 150 6.89 -33.43 -18.05
C VAL A 150 6.90 -32.02 -18.61
N THR A 151 5.93 -31.71 -19.46
CA THR A 151 5.75 -30.34 -19.96
C THR A 151 5.32 -29.44 -18.80
N LEU A 152 6.16 -28.46 -18.47
CA LEU A 152 5.99 -27.72 -17.22
C LEU A 152 4.88 -26.69 -17.30
N LYS A 153 4.69 -26.05 -18.46
CA LYS A 153 3.68 -25.00 -18.55
C LYS A 153 2.27 -25.56 -18.43
N ASP A 154 2.06 -26.84 -18.74
CA ASP A 154 0.74 -27.43 -18.56
C ASP A 154 0.43 -27.64 -17.09
N VAL A 155 1.36 -28.11 -16.47
CA VAL A 155 1.18 -28.32 -15.04
C VAL A 155 1.34 -27.00 -14.27
N PHE A 156 2.20 -26.10 -14.77
CA PHE A 156 2.27 -24.76 -14.19
C PHE A 156 1.06 -23.92 -14.60
N GLY A 157 0.55 -24.13 -15.81
CA GLY A 157 -0.66 -23.43 -16.21
C GLY A 157 -1.87 -23.84 -15.38
N ALA A 158 -1.98 -25.13 -15.07
CA ALA A 158 -3.07 -25.58 -14.22
C ALA A 158 -3.00 -24.95 -12.83
N TYR A 159 -1.79 -24.93 -12.25
CA TYR A 159 -1.61 -24.34 -10.93
C TYR A 159 -2.01 -22.87 -10.93
N SER A 160 -1.55 -22.10 -11.92
CA SER A 160 -1.82 -20.68 -11.97
C SER A 160 -3.32 -20.40 -12.01
N MET A 161 -4.06 -21.15 -12.83
CA MET A 161 -5.50 -20.95 -12.96
C MET A 161 -6.20 -21.07 -11.62
N ASP A 162 -5.94 -22.15 -10.89
CA ASP A 162 -6.55 -22.35 -9.58
C ASP A 162 -6.19 -21.24 -8.61
N VAL A 163 -4.98 -20.67 -8.74
CA VAL A 163 -4.56 -19.63 -7.82
C VAL A 163 -5.26 -18.31 -8.12
N ILE A 164 -5.53 -18.01 -9.39
CA ILE A 164 -6.15 -16.72 -9.71
C ILE A 164 -7.66 -16.79 -9.56
N THR A 165 -8.27 -17.97 -9.73
CA THR A 165 -9.72 -18.08 -9.69
C THR A 165 -10.27 -18.06 -8.28
N SER A 166 -9.50 -18.53 -7.30
CA SER A 166 -9.97 -18.62 -5.93
C SER A 166 -9.60 -17.43 -5.06
N THR A 167 -8.45 -16.79 -5.33
CA THR A 167 -8.05 -15.65 -4.53
C THR A 167 -8.82 -14.38 -4.92
N SER A 168 -9.19 -14.26 -6.19
CA SER A 168 -9.91 -13.08 -6.66
C SER A 168 -11.42 -13.23 -6.56
N PHE A 169 -11.92 -14.46 -6.61
CA PHE A 169 -13.36 -14.71 -6.64
C PHE A 169 -13.84 -15.65 -5.56
N GLY A 170 -13.00 -16.57 -5.09
CA GLY A 170 -13.43 -17.55 -4.11
C GLY A 170 -14.01 -18.81 -4.70
N VAL A 171 -13.60 -19.18 -5.91
CA VAL A 171 -14.23 -20.25 -6.67
C VAL A 171 -13.17 -21.27 -7.05
N ASN A 172 -13.20 -22.44 -6.42
CA ASN A 172 -12.37 -23.56 -6.84
C ASN A 172 -12.95 -24.16 -8.11
N ILE A 173 -12.17 -24.21 -9.18
CA ILE A 173 -12.66 -24.62 -10.49
C ILE A 173 -11.88 -25.79 -11.08
N ASP A 174 -10.82 -26.22 -10.41
CA ASP A 174 -10.00 -27.33 -10.89
C ASP A 174 -9.83 -28.39 -9.80
N SER A 175 -10.81 -29.28 -9.68
CA SER A 175 -10.76 -30.35 -8.69
C SER A 175 -9.65 -31.34 -9.00
N LEU A 176 -8.44 -31.02 -8.56
CA LEU A 176 -7.28 -31.88 -8.79
C LEU A 176 -7.12 -32.21 -10.26
N ASN A 177 -7.92 -31.57 -11.10
CA ASN A 177 -7.88 -31.81 -12.54
C ASN A 177 -8.30 -33.23 -12.91
N ASN A 178 -9.17 -33.36 -13.92
CA ASN A 178 -9.72 -32.23 -14.67
C ASN A 178 -8.64 -31.48 -15.44
N PRO A 179 -8.04 -32.16 -16.40
CA PRO A 179 -6.98 -31.56 -17.22
C PRO A 179 -7.55 -30.85 -18.46
N GLN A 180 -8.77 -31.17 -18.82
CA GLN A 180 -9.47 -30.48 -19.92
C GLN A 180 -10.45 -29.46 -19.35
N ASP A 181 -9.88 -28.51 -18.62
CA ASP A 181 -10.66 -27.48 -17.96
C ASP A 181 -11.00 -26.37 -18.96
N PRO A 182 -12.26 -25.96 -19.08
CA PRO A 182 -12.62 -24.96 -20.09
C PRO A 182 -11.96 -23.61 -19.86
N PHE A 183 -11.64 -23.26 -18.61
CA PHE A 183 -11.01 -21.96 -18.35
C PHE A 183 -9.64 -21.89 -18.99
N VAL A 184 -8.77 -22.86 -18.71
CA VAL A 184 -7.44 -22.86 -19.28
C VAL A 184 -7.49 -23.08 -20.78
N GLU A 185 -8.42 -23.91 -21.25
CA GLU A 185 -8.51 -24.19 -22.68
C GLU A 185 -8.92 -22.95 -23.46
N ASN A 186 -9.75 -22.09 -22.88
CA ASN A 186 -10.14 -20.85 -23.54
C ASN A 186 -9.17 -19.71 -23.27
N THR A 187 -8.53 -19.71 -22.11
CA THR A 187 -7.66 -18.58 -21.74
C THR A 187 -6.33 -18.63 -22.47
N LYS A 188 -5.87 -19.83 -22.87
CA LYS A 188 -4.58 -19.89 -23.55
C LYS A 188 -4.65 -19.30 -24.96
N LYS A 189 -5.77 -19.51 -25.65
CA LYS A 189 -5.99 -18.89 -26.95
C LYS A 189 -6.66 -17.53 -26.83
N LEU A 190 -6.41 -16.82 -25.73
CA LEU A 190 -7.04 -15.51 -25.53
C LEU A 190 -6.39 -14.46 -26.40
N LEU A 191 -5.07 -14.36 -26.36
CA LEU A 191 -4.34 -13.44 -27.23
C LEU A 191 -3.00 -14.07 -27.59
N ARG A 192 -2.79 -14.32 -28.87
CA ARG A 192 -1.53 -14.85 -29.38
C ARG A 192 -1.05 -13.90 -30.46
N PHE A 193 -0.26 -12.90 -30.05
CA PHE A 193 0.30 -11.92 -30.99
C PHE A 193 1.28 -12.63 -31.90
N ASP A 194 0.75 -13.20 -32.97
CA ASP A 194 1.58 -13.76 -34.03
C ASP A 194 1.86 -12.66 -35.04
N PHE A 195 3.12 -12.28 -35.18
CA PHE A 195 3.47 -11.21 -36.11
C PHE A 195 3.36 -11.67 -37.55
N LEU A 196 3.48 -12.98 -37.79
CA LEU A 196 3.29 -13.51 -39.13
C LEU A 196 1.86 -13.33 -39.60
N ASP A 197 0.90 -13.38 -38.67
CA ASP A 197 -0.50 -13.14 -38.97
C ASP A 197 -0.66 -11.77 -39.63
N PRO A 198 -1.24 -11.69 -40.83
CA PRO A 198 -1.45 -10.36 -41.45
C PRO A 198 -2.28 -9.43 -40.59
N PHE A 199 -2.99 -9.95 -39.59
CA PHE A 199 -3.83 -9.13 -38.72
C PHE A 199 -3.00 -8.23 -37.82
N PHE A 200 -2.27 -8.83 -36.87
CA PHE A 200 -1.43 -8.04 -35.99
C PHE A 200 -0.36 -7.26 -36.74
N LEU A 201 0.00 -7.71 -37.94
CA LEU A 201 0.89 -6.93 -38.79
C LEU A 201 0.21 -5.65 -39.25
N SER A 202 -0.90 -5.77 -39.98
CA SER A 202 -1.56 -4.61 -40.54
C SER A 202 -2.02 -3.64 -39.46
N ILE A 203 -2.41 -4.16 -38.28
CA ILE A 203 -2.75 -3.29 -37.16
C ILE A 203 -1.56 -2.42 -36.79
N THR A 204 -0.37 -3.00 -36.73
CA THR A 204 0.80 -2.23 -36.35
C THR A 204 1.32 -1.37 -37.51
N VAL A 205 1.39 -1.95 -38.71
CA VAL A 205 2.03 -1.26 -39.81
C VAL A 205 1.12 -0.20 -40.44
N PHE A 206 -0.20 -0.36 -40.32
N PHE A 206 -0.19 -0.37 -40.34
CA PHE A 206 -1.15 0.65 -40.75
CA PHE A 206 -1.16 0.64 -40.76
C PHE A 206 -2.20 0.81 -39.66
C PHE A 206 -2.20 0.79 -39.65
N PRO A 207 -1.83 1.46 -38.55
CA PRO A 207 -2.73 1.53 -37.39
C PRO A 207 -3.95 2.42 -37.58
N PHE A 208 -4.43 2.54 -38.81
CA PHE A 208 -5.76 3.08 -39.06
C PHE A 208 -6.57 2.03 -39.82
N LEU A 209 -6.92 0.97 -39.13
CA LEU A 209 -8.05 0.13 -39.48
C LEU A 209 -8.84 -0.26 -38.24
N ILE A 210 -8.37 0.15 -37.07
CA ILE A 210 -9.09 -0.14 -35.82
C ILE A 210 -10.52 0.41 -35.83
N PRO A 211 -10.77 1.68 -36.21
CA PRO A 211 -12.14 2.18 -36.10
C PRO A 211 -13.13 1.42 -36.98
N ILE A 212 -12.69 0.96 -38.16
CA ILE A 212 -13.52 0.09 -38.99
C ILE A 212 -13.81 -1.20 -38.24
N LEU A 213 -12.76 -1.89 -37.79
CA LEU A 213 -12.93 -3.15 -37.08
C LEU A 213 -13.76 -2.99 -35.82
N GLU A 214 -13.75 -1.80 -35.21
CA GLU A 214 -14.53 -1.60 -33.99
C GLU A 214 -16.02 -1.49 -34.28
N VAL A 215 -16.39 -0.72 -35.31
CA VAL A 215 -17.80 -0.62 -35.66
C VAL A 215 -18.32 -1.94 -36.24
N LEU A 216 -17.43 -2.81 -36.71
CA LEU A 216 -17.79 -4.14 -37.17
C LEU A 216 -17.87 -5.16 -36.04
N ASN A 217 -17.74 -4.71 -34.79
CA ASN A 217 -17.73 -5.58 -33.61
C ASN A 217 -16.57 -6.57 -33.63
N ILE A 218 -15.53 -6.27 -34.38
CA ILE A 218 -14.36 -7.16 -34.45
C ILE A 218 -13.44 -6.87 -33.27
N CYS A 219 -12.93 -7.93 -32.65
CA CYS A 219 -12.10 -7.82 -31.46
C CYS A 219 -10.87 -8.71 -31.62
N VAL A 220 -9.77 -8.31 -30.96
CA VAL A 220 -8.55 -9.11 -31.00
C VAL A 220 -8.60 -10.31 -30.08
N PHE A 221 -9.57 -10.35 -29.16
CA PHE A 221 -9.82 -11.56 -28.38
C PHE A 221 -10.99 -12.30 -29.01
N PRO A 222 -10.84 -13.57 -29.36
CA PRO A 222 -11.95 -14.29 -30.03
C PRO A 222 -13.23 -14.23 -29.22
N ARG A 223 -14.35 -14.30 -29.95
CA ARG A 223 -15.66 -14.07 -29.34
C ARG A 223 -16.03 -15.19 -28.36
N GLU A 224 -15.79 -16.45 -28.74
CA GLU A 224 -16.17 -17.56 -27.86
C GLU A 224 -15.36 -17.54 -26.57
N VAL A 225 -14.14 -17.00 -26.60
CA VAL A 225 -13.36 -16.85 -25.38
C VAL A 225 -13.93 -15.74 -24.52
N THR A 226 -14.21 -14.58 -25.12
CA THR A 226 -14.80 -13.48 -24.37
C THR A 226 -16.17 -13.85 -23.86
N ASN A 227 -16.95 -14.60 -24.64
CA ASN A 227 -18.28 -15.03 -24.19
C ASN A 227 -18.19 -15.98 -23.01
N PHE A 228 -17.40 -17.06 -23.15
CA PHE A 228 -17.28 -18.04 -22.08
C PHE A 228 -16.84 -17.40 -20.77
N LEU A 229 -15.83 -16.52 -20.84
CA LEU A 229 -15.41 -15.81 -19.63
C LEU A 229 -16.46 -14.82 -19.18
N ARG A 230 -17.18 -14.19 -20.12
CA ARG A 230 -18.23 -13.26 -19.75
C ARG A 230 -19.39 -13.97 -19.05
N LYS A 231 -19.78 -15.14 -19.56
CA LYS A 231 -20.82 -15.93 -18.90
C LYS A 231 -20.39 -16.31 -17.49
N SER A 232 -19.13 -16.72 -17.33
CA SER A 232 -18.68 -17.27 -16.05
C SER A 232 -18.68 -16.21 -14.96
N VAL A 233 -18.21 -15.00 -15.27
CA VAL A 233 -18.16 -13.94 -14.26
C VAL A 233 -19.58 -13.58 -13.82
N LYS A 234 -20.54 -13.61 -14.74
CA LYS A 234 -21.94 -13.45 -14.35
C LYS A 234 -22.42 -14.62 -13.50
N ARG A 235 -21.86 -15.81 -13.74
CA ARG A 235 -22.16 -16.98 -12.91
C ARG A 235 -21.48 -16.91 -11.55
N MET A 236 -20.32 -16.23 -11.48
CA MET A 236 -19.59 -16.11 -10.22
C MET A 236 -20.09 -14.95 -9.35
N LYS A 237 -20.78 -13.98 -9.94
CA LYS A 237 -21.05 -12.72 -9.26
C LYS A 237 -22.20 -12.78 -8.27
N GLU A 238 -22.79 -13.96 -8.03
CA GLU A 238 -23.91 -14.07 -7.12
C GLU A 238 -23.57 -13.59 -5.73
N SER A 239 -22.71 -14.35 -5.03
CA SER A 239 -22.21 -13.99 -3.69
C SER A 239 -23.37 -13.72 -2.72
N ARG A 240 -24.02 -14.82 -2.33
CA ARG A 240 -25.13 -14.75 -1.37
C ARG A 240 -25.36 -16.10 -0.69
N HIS A 247 -17.49 -14.68 1.65
CA HIS A 247 -16.94 -14.43 2.96
C HIS A 247 -15.87 -13.37 2.85
N ARG A 248 -14.61 -13.78 2.93
CA ARG A 248 -13.45 -12.89 2.84
C ARG A 248 -13.63 -11.91 1.72
N VAL A 249 -13.13 -10.70 1.93
CA VAL A 249 -13.21 -9.65 0.94
C VAL A 249 -12.12 -9.95 -0.07
N ASP A 250 -12.49 -10.00 -1.34
CA ASP A 250 -11.59 -10.37 -2.44
C ASP A 250 -11.82 -9.48 -3.65
N PHE A 251 -10.98 -9.66 -4.66
CA PHE A 251 -11.08 -8.86 -5.89
C PHE A 251 -12.52 -8.79 -6.39
N LEU A 252 -13.29 -9.86 -6.19
CA LEU A 252 -14.70 -9.81 -6.55
C LEU A 252 -15.46 -8.92 -5.58
N GLN A 253 -15.08 -8.92 -4.29
CA GLN A 253 -15.79 -8.11 -3.31
C GLN A 253 -15.45 -6.63 -3.44
N LEU A 254 -14.17 -6.30 -3.63
CA LEU A 254 -13.78 -4.90 -3.79
C LEU A 254 -14.47 -4.28 -5.00
N MET A 255 -14.77 -5.07 -6.02
CA MET A 255 -15.51 -4.55 -7.16
C MET A 255 -17.01 -4.51 -6.91
N ILE A 256 -17.52 -5.37 -6.02
CA ILE A 256 -18.96 -5.43 -5.76
C ILE A 256 -19.36 -4.45 -4.66
N ASP A 257 -18.56 -4.31 -3.61
CA ASP A 257 -18.89 -3.36 -2.54
CA ASP A 257 -18.93 -3.37 -2.55
C ASP A 257 -18.86 -1.93 -3.05
N SER A 258 -18.03 -1.64 -4.05
CA SER A 258 -17.98 -0.31 -4.62
C SER A 258 -18.94 -0.14 -5.79
N GLN A 259 -19.31 -1.24 -6.47
CA GLN A 259 -20.39 -1.17 -7.45
C GLN A 259 -21.72 -0.94 -6.77
N ASN A 260 -21.91 -1.52 -5.58
CA ASN A 260 -23.04 -1.19 -4.73
C ASN A 260 -22.85 0.13 -3.98
N SER A 261 -21.68 0.75 -4.12
CA SER A 261 -21.36 2.02 -3.45
C SER A 261 -21.55 1.93 -1.94
N HIS A 267 -16.55 9.91 -10.42
CA HIS A 267 -17.77 9.60 -9.69
C HIS A 267 -18.12 8.12 -9.86
N LYS A 268 -19.41 7.81 -9.74
CA LYS A 268 -19.88 6.43 -9.83
C LYS A 268 -20.10 6.04 -11.29
N ALA A 269 -19.84 4.77 -11.64
CA ALA A 269 -19.39 3.75 -10.71
C ALA A 269 -18.79 2.68 -11.62
N LEU A 270 -18.76 1.44 -11.13
CA LEU A 270 -18.25 0.30 -11.88
C LEU A 270 -19.37 -0.44 -12.59
N SER A 271 -19.23 -0.62 -13.90
CA SER A 271 -20.28 -1.24 -14.68
C SER A 271 -20.19 -2.76 -14.60
N ASP A 272 -21.13 -3.44 -15.26
CA ASP A 272 -21.09 -4.90 -15.33
C ASP A 272 -20.11 -5.37 -16.39
N LEU A 273 -20.10 -4.74 -17.56
CA LEU A 273 -19.11 -5.07 -18.58
C LEU A 273 -17.72 -4.57 -18.20
N GLU A 274 -17.62 -3.62 -17.28
CA GLU A 274 -16.32 -3.20 -16.76
C GLU A 274 -15.79 -4.19 -15.74
N LEU A 275 -16.67 -4.69 -14.86
CA LEU A 275 -16.26 -5.64 -13.83
C LEU A 275 -15.75 -6.94 -14.43
N VAL A 276 -16.31 -7.36 -15.57
CA VAL A 276 -15.79 -8.51 -16.28
C VAL A 276 -14.41 -8.20 -16.86
N ALA A 277 -14.23 -6.96 -17.35
CA ALA A 277 -12.99 -6.60 -18.03
C ALA A 277 -11.78 -6.75 -17.11
N GLN A 278 -11.89 -6.25 -15.88
CA GLN A 278 -10.78 -6.38 -14.93
C GLN A 278 -10.55 -7.85 -14.58
N SER A 279 -11.63 -8.62 -14.44
CA SER A 279 -11.49 -10.04 -14.16
C SER A 279 -10.73 -10.76 -15.27
N ILE A 280 -11.03 -10.42 -16.53
CA ILE A 280 -10.37 -11.10 -17.65
C ILE A 280 -8.89 -10.73 -17.70
N ILE A 281 -8.55 -9.48 -17.35
CA ILE A 281 -7.15 -9.09 -17.28
C ILE A 281 -6.42 -9.87 -16.19
N PHE A 282 -7.00 -9.89 -14.99
CA PHE A 282 -6.42 -10.65 -13.88
C PHE A 282 -6.35 -12.13 -14.22
N ILE A 283 -7.44 -12.68 -14.77
CA ILE A 283 -7.47 -14.09 -15.13
C ILE A 283 -6.37 -14.43 -16.13
N PHE A 284 -6.06 -13.50 -17.03
CA PHE A 284 -5.00 -13.76 -18.00
C PHE A 284 -3.63 -13.73 -17.32
N ALA A 285 -3.25 -12.57 -16.76
CA ALA A 285 -1.92 -12.42 -16.18
C ALA A 285 -1.63 -13.47 -15.12
N GLY A 286 -2.65 -13.81 -14.31
CA GLY A 286 -2.46 -14.81 -13.28
C GLY A 286 -2.10 -16.17 -13.85
N TYR A 287 -2.60 -16.48 -15.04
CA TYR A 287 -2.34 -17.79 -15.66
C TYR A 287 -1.08 -17.76 -16.51
N GLU A 288 -1.03 -16.84 -17.48
CA GLU A 288 0.00 -16.90 -18.52
C GLU A 288 1.35 -16.41 -18.01
N THR A 289 1.38 -15.22 -17.40
CA THR A 289 2.65 -14.66 -16.94
C THR A 289 3.29 -15.54 -15.89
N THR A 290 2.49 -16.04 -14.94
CA THR A 290 3.04 -16.85 -13.85
C THR A 290 3.64 -18.15 -14.36
N SER A 291 2.90 -18.87 -15.22
CA SER A 291 3.38 -20.17 -15.69
C SER A 291 4.60 -20.04 -16.60
N SER A 292 4.66 -18.98 -17.41
CA SER A 292 5.79 -18.83 -18.33
C SER A 292 7.08 -18.51 -17.60
N VAL A 293 7.01 -17.68 -16.55
CA VAL A 293 8.21 -17.37 -15.78
C VAL A 293 8.63 -18.58 -14.94
N LEU A 294 7.66 -19.36 -14.48
CA LEU A 294 7.98 -20.57 -13.71
C LEU A 294 8.74 -21.58 -14.57
N SER A 295 8.47 -21.63 -15.86
CA SER A 295 9.18 -22.55 -16.74
C SER A 295 10.63 -22.10 -16.95
N PHE A 296 10.84 -20.81 -17.18
CA PHE A 296 12.19 -20.29 -17.34
C PHE A 296 13.04 -20.59 -16.12
N ILE A 297 12.47 -20.45 -14.92
CA ILE A 297 13.22 -20.72 -13.70
C ILE A 297 13.66 -22.18 -13.66
N MET A 298 12.71 -23.10 -13.82
CA MET A 298 13.02 -24.52 -13.72
C MET A 298 14.01 -24.94 -14.80
N TYR A 299 13.90 -24.36 -15.99
CA TYR A 299 14.90 -24.62 -17.02
C TYR A 299 16.30 -24.22 -16.54
N GLU A 300 16.40 -23.07 -15.86
CA GLU A 300 17.70 -22.59 -15.41
C GLU A 300 18.21 -23.43 -14.25
N LEU A 301 17.34 -23.84 -13.33
CA LEU A 301 17.77 -24.70 -12.23
C LEU A 301 18.24 -26.05 -12.73
N ALA A 302 17.53 -26.61 -13.71
CA ALA A 302 17.90 -27.92 -14.24
C ALA A 302 19.24 -27.86 -14.96
N THR A 303 19.52 -26.74 -15.63
CA THR A 303 20.79 -26.54 -16.33
C THR A 303 21.89 -25.99 -15.41
N HIS A 304 21.58 -25.74 -14.14
CA HIS A 304 22.57 -25.32 -13.15
C HIS A 304 22.28 -26.07 -11.86
N PRO A 305 22.71 -27.34 -11.76
CA PRO A 305 22.39 -28.13 -10.56
C PRO A 305 22.95 -27.55 -9.28
N ASP A 306 24.09 -26.86 -9.34
CA ASP A 306 24.66 -26.23 -8.15
C ASP A 306 23.70 -25.18 -7.58
N VAL A 307 23.04 -24.42 -8.45
CA VAL A 307 22.09 -23.42 -7.97
C VAL A 307 20.84 -24.09 -7.42
N GLN A 308 20.39 -25.18 -8.05
CA GLN A 308 19.20 -25.87 -7.57
C GLN A 308 19.46 -26.54 -6.23
N GLN A 309 20.63 -27.17 -6.06
CA GLN A 309 20.96 -27.75 -4.76
C GLN A 309 21.07 -26.66 -3.69
N LYS A 310 21.71 -25.55 -4.02
CA LYS A 310 21.83 -24.45 -3.06
C LYS A 310 20.47 -23.90 -2.65
N LEU A 311 19.56 -23.75 -3.63
CA LEU A 311 18.20 -23.32 -3.31
C LEU A 311 17.49 -24.38 -2.48
N GLN A 312 17.65 -25.66 -2.85
CA GLN A 312 17.06 -26.73 -2.05
C GLN A 312 17.64 -26.74 -0.63
N GLU A 313 18.94 -26.45 -0.50
CA GLU A 313 19.54 -26.40 0.83
C GLU A 313 18.96 -25.27 1.66
N GLU A 314 18.63 -24.14 1.03
CA GLU A 314 18.03 -23.03 1.77
C GLU A 314 16.60 -23.33 2.17
N ILE A 315 15.81 -23.92 1.27
CA ILE A 315 14.42 -24.21 1.58
C ILE A 315 14.31 -25.15 2.77
N ASP A 316 15.19 -26.16 2.83
CA ASP A 316 15.13 -27.13 3.92
C ASP A 316 15.58 -26.52 5.24
N ALA A 317 16.49 -25.54 5.20
CA ALA A 317 16.91 -24.89 6.44
C ALA A 317 15.80 -24.02 7.01
N VAL A 318 15.09 -23.28 6.16
CA VAL A 318 14.02 -22.42 6.62
C VAL A 318 12.75 -23.24 6.90
N LEU A 319 12.50 -24.27 6.10
CA LEU A 319 11.32 -25.13 6.24
C LEU A 319 11.75 -26.57 6.44
N PRO A 320 12.23 -26.93 7.62
CA PRO A 320 12.62 -28.32 7.87
C PRO A 320 11.42 -29.23 7.92
N ASN A 321 11.63 -30.49 7.53
CA ASN A 321 10.60 -31.53 7.51
C ASN A 321 9.49 -31.19 6.51
N LYS A 322 9.88 -30.57 5.40
CA LYS A 322 8.93 -30.12 4.37
C LYS A 322 7.82 -29.26 4.99
N ALA A 323 8.21 -28.38 5.92
CA ALA A 323 7.29 -27.51 6.63
C ALA A 323 6.46 -26.69 5.65
N PRO A 324 5.22 -26.35 5.98
CA PRO A 324 4.39 -25.58 5.06
C PRO A 324 4.94 -24.18 4.90
N PRO A 325 5.01 -23.67 3.66
CA PRO A 325 5.53 -22.31 3.46
C PRO A 325 4.51 -21.28 3.91
N THR A 326 4.99 -20.29 4.66
CA THR A 326 4.16 -19.20 5.16
C THR A 326 4.54 -17.91 4.45
N TYR A 327 3.70 -16.88 4.63
CA TYR A 327 3.98 -15.58 4.04
C TYR A 327 5.31 -15.04 4.57
N ASP A 328 5.61 -15.26 5.84
CA ASP A 328 6.83 -14.72 6.43
C ASP A 328 8.06 -15.53 6.02
N THR A 329 7.93 -16.85 5.92
CA THR A 329 9.08 -17.67 5.54
C THR A 329 9.45 -17.49 4.08
N VAL A 330 8.49 -17.17 3.21
CA VAL A 330 8.80 -16.92 1.81
C VAL A 330 9.71 -15.71 1.67
N LEU A 331 9.41 -14.63 2.41
CA LEU A 331 10.21 -13.41 2.34
C LEU A 331 11.56 -13.55 3.01
N GLN A 332 11.74 -14.56 3.87
CA GLN A 332 13.02 -14.78 4.54
C GLN A 332 14.05 -15.43 3.63
N MET A 333 13.62 -16.15 2.60
CA MET A 333 14.52 -16.91 1.75
C MET A 333 15.24 -15.97 0.78
N GLU A 334 16.53 -15.75 1.02
CA GLU A 334 17.28 -14.80 0.20
C GLU A 334 17.68 -15.39 -1.14
N TYR A 335 18.09 -16.66 -1.18
CA TYR A 335 18.58 -17.24 -2.42
C TYR A 335 17.45 -17.45 -3.42
N LEU A 336 16.27 -17.84 -2.93
CA LEU A 336 15.10 -17.99 -3.81
C LEU A 336 14.79 -16.68 -4.53
N ASP A 337 14.79 -15.58 -3.78
CA ASP A 337 14.54 -14.27 -4.38
C ASP A 337 15.59 -13.93 -5.43
N MET A 338 16.84 -14.33 -5.18
CA MET A 338 17.90 -14.12 -6.18
C MET A 338 17.66 -14.96 -7.42
N VAL A 339 17.19 -16.20 -7.24
CA VAL A 339 16.92 -17.07 -8.38
C VAL A 339 15.79 -16.52 -9.22
N VAL A 340 14.72 -16.05 -8.58
CA VAL A 340 13.59 -15.47 -9.31
C VAL A 340 14.01 -14.20 -10.03
N ASN A 341 14.87 -13.40 -9.40
CA ASN A 341 15.25 -12.12 -9.99
C ASN A 341 16.21 -12.30 -11.17
N GLU A 342 17.19 -13.20 -11.03
CA GLU A 342 18.14 -13.41 -12.12
C GLU A 342 17.45 -14.00 -13.35
N THR A 343 16.46 -14.88 -13.13
CA THR A 343 15.66 -15.39 -14.25
C THR A 343 14.91 -14.27 -14.93
N LEU A 344 14.25 -13.40 -14.15
CA LEU A 344 13.55 -12.26 -14.72
C LEU A 344 14.51 -11.30 -15.41
N ARG A 345 15.76 -11.26 -14.97
CA ARG A 345 16.78 -10.48 -15.69
C ARG A 345 16.99 -11.05 -17.09
N LEU A 346 17.18 -12.36 -17.20
CA LEU A 346 17.41 -12.97 -18.51
C LEU A 346 16.14 -13.01 -19.34
N PHE A 347 14.98 -13.19 -18.71
CA PHE A 347 13.71 -13.39 -19.41
C PHE A 347 12.65 -12.44 -18.88
N PRO A 348 12.77 -11.13 -19.17
CA PRO A 348 11.68 -10.20 -18.85
C PRO A 348 10.53 -10.35 -19.83
N ILE A 349 9.43 -10.94 -19.38
CA ILE A 349 8.36 -11.35 -20.28
C ILE A 349 7.69 -10.16 -20.96
N ALA A 350 7.86 -8.95 -20.44
CA ALA A 350 7.30 -7.77 -21.09
C ALA A 350 8.14 -7.30 -22.27
N MET A 351 9.42 -7.68 -22.33
CA MET A 351 10.33 -7.33 -23.41
C MET A 351 10.61 -5.83 -23.46
N ARG A 352 9.57 -5.02 -23.59
CA ARG A 352 9.70 -3.57 -23.66
C ARG A 352 8.67 -2.91 -22.76
N LEU A 353 8.97 -1.66 -22.38
CA LEU A 353 8.03 -0.77 -21.71
C LEU A 353 7.80 0.44 -22.59
N GLU A 354 6.54 0.81 -22.79
CA GLU A 354 6.19 1.90 -23.68
C GLU A 354 5.27 2.89 -22.97
N ARG A 355 5.40 4.16 -23.35
CA ARG A 355 4.53 5.23 -22.89
C ARG A 355 4.35 6.23 -24.02
N VAL A 356 3.13 6.72 -24.20
CA VAL A 356 2.83 7.71 -25.23
C VAL A 356 3.05 9.10 -24.65
N CYS A 357 3.83 9.91 -25.35
CA CYS A 357 4.09 11.30 -24.96
C CYS A 357 2.88 12.14 -25.38
N LYS A 358 2.15 12.67 -24.40
CA LYS A 358 0.87 13.30 -24.66
C LYS A 358 0.98 14.80 -24.98
N LYS A 359 2.15 15.41 -24.79
CA LYS A 359 2.35 16.80 -25.14
C LYS A 359 3.84 17.06 -25.24
N ASP A 360 4.20 18.18 -25.86
CA ASP A 360 5.60 18.53 -26.06
C ASP A 360 6.32 18.66 -24.72
N VAL A 361 7.44 17.96 -24.59
CA VAL A 361 8.27 18.01 -23.39
C VAL A 361 9.73 18.04 -23.79
N GLU A 362 10.56 18.51 -22.86
CA GLU A 362 12.03 18.50 -22.99
C GLU A 362 12.57 17.89 -21.70
N ILE A 363 12.69 16.56 -21.68
CA ILE A 363 13.13 15.83 -20.51
C ILE A 363 14.63 15.55 -20.64
N ASN A 364 15.37 15.87 -19.57
CA ASN A 364 16.81 15.65 -19.52
C ASN A 364 17.52 16.24 -20.74
N GLY A 365 17.06 17.43 -21.16
CA GLY A 365 17.68 18.13 -22.27
C GLY A 365 17.41 17.54 -23.62
N MET A 366 16.32 16.78 -23.78
CA MET A 366 15.96 16.19 -25.06
C MET A 366 14.49 16.49 -25.35
N PHE A 367 14.23 17.25 -26.41
CA PHE A 367 12.86 17.53 -26.81
C PHE A 367 12.20 16.28 -27.36
N ILE A 368 10.96 16.03 -26.95
CA ILE A 368 10.17 14.90 -27.42
C ILE A 368 8.81 15.44 -27.85
N PRO A 369 8.43 15.31 -29.11
CA PRO A 369 7.14 15.86 -29.56
C PRO A 369 5.97 14.99 -29.16
N LYS A 370 4.81 15.64 -29.08
CA LYS A 370 3.55 14.96 -28.76
C LYS A 370 3.30 13.80 -29.72
N GLY A 371 2.74 12.72 -29.19
CA GLY A 371 2.36 11.58 -29.98
C GLY A 371 3.44 10.52 -30.14
N VAL A 372 4.68 10.83 -29.79
CA VAL A 372 5.75 9.85 -29.89
C VAL A 372 5.64 8.84 -28.76
N VAL A 373 5.79 7.56 -29.10
CA VAL A 373 5.86 6.51 -28.09
C VAL A 373 7.29 6.41 -27.59
N VAL A 374 7.47 6.52 -26.27
CA VAL A 374 8.77 6.36 -25.63
C VAL A 374 8.89 4.92 -25.16
N MET A 375 9.96 4.25 -25.57
CA MET A 375 10.13 2.82 -25.34
C MET A 375 11.38 2.57 -24.53
N ILE A 376 11.24 1.75 -23.48
CA ILE A 376 12.37 1.34 -22.65
C ILE A 376 12.72 -0.09 -23.04
N PRO A 377 13.83 -0.33 -23.75
CA PRO A 377 14.15 -1.71 -24.16
C PRO A 377 14.63 -2.56 -22.99
N SER A 378 13.68 -3.12 -22.23
CA SER A 378 14.02 -3.82 -21.01
C SER A 378 14.92 -5.01 -21.27
N TYR A 379 14.56 -5.84 -22.27
CA TYR A 379 15.38 -7.01 -22.58
C TYR A 379 16.82 -6.62 -22.91
N ALA A 380 16.99 -5.54 -23.67
CA ALA A 380 18.33 -5.08 -24.02
C ALA A 380 19.07 -4.56 -22.80
N LEU A 381 18.40 -3.75 -21.97
CA LEU A 381 19.04 -3.20 -20.78
C LEU A 381 19.47 -4.30 -19.82
N HIS A 382 18.64 -5.34 -19.67
CA HIS A 382 18.97 -6.42 -18.74
C HIS A 382 20.18 -7.23 -19.19
N ARG A 383 20.59 -7.10 -20.45
CA ARG A 383 21.71 -7.85 -20.98
C ARG A 383 22.83 -6.95 -21.48
N ASP A 384 22.80 -5.67 -21.14
CA ASP A 384 23.82 -4.72 -21.59
C ASP A 384 25.13 -4.99 -20.86
N PRO A 385 26.21 -5.32 -21.57
CA PRO A 385 27.50 -5.55 -20.89
C PRO A 385 27.98 -4.36 -20.08
N LYS A 386 27.56 -3.14 -20.42
CA LYS A 386 27.98 -1.98 -19.64
C LYS A 386 27.25 -1.86 -18.31
N TYR A 387 26.39 -2.83 -17.96
CA TYR A 387 25.71 -2.82 -16.68
C TYR A 387 25.85 -4.15 -15.95
N TRP A 388 26.03 -5.24 -16.70
CA TRP A 388 26.06 -6.58 -16.12
C TRP A 388 27.29 -7.33 -16.62
N THR A 389 27.99 -7.99 -15.71
CA THR A 389 29.12 -8.83 -16.05
C THR A 389 28.62 -10.19 -16.55
N GLU A 390 29.12 -10.61 -17.71
CA GLU A 390 28.69 -11.83 -18.36
C GLU A 390 27.16 -11.90 -18.43
N PRO A 391 26.53 -10.94 -19.12
CA PRO A 391 25.06 -10.83 -19.04
C PRO A 391 24.32 -12.03 -19.61
N GLU A 392 24.98 -12.85 -20.43
CA GLU A 392 24.37 -14.06 -20.94
C GLU A 392 24.35 -15.19 -19.93
N LYS A 393 25.20 -15.13 -18.90
CA LYS A 393 25.31 -16.20 -17.93
C LYS A 393 24.29 -16.04 -16.81
N PHE A 394 23.78 -17.17 -16.32
CA PHE A 394 22.81 -17.21 -15.25
C PHE A 394 23.56 -17.29 -13.93
N LEU A 395 23.74 -16.15 -13.27
CA LEU A 395 24.51 -16.05 -12.03
C LEU A 395 23.65 -15.36 -10.98
N PRO A 396 22.92 -16.14 -10.16
CA PRO A 396 22.08 -15.55 -9.11
C PRO A 396 22.82 -14.60 -8.16
N GLU A 397 24.15 -14.68 -8.09
CA GLU A 397 24.90 -13.83 -7.17
C GLU A 397 24.80 -12.35 -7.49
N ARG A 398 24.43 -11.99 -8.73
CA ARG A 398 24.21 -10.58 -9.05
C ARG A 398 23.30 -9.91 -8.05
N PHE A 399 22.33 -10.65 -7.51
CA PHE A 399 21.29 -10.10 -6.67
C PHE A 399 21.49 -10.41 -5.19
N SER A 400 22.72 -10.75 -4.81
CA SER A 400 23.03 -10.84 -3.39
C SER A 400 23.05 -9.44 -2.79
N LYS A 401 22.78 -9.37 -1.49
CA LYS A 401 22.82 -8.09 -0.80
C LYS A 401 24.22 -7.49 -0.78
N LYS A 402 25.25 -8.33 -0.91
CA LYS A 402 26.61 -7.81 -1.08
C LYS A 402 26.74 -7.07 -2.40
N ASN A 403 26.05 -7.55 -3.45
CA ASN A 403 26.22 -7.02 -4.80
C ASN A 403 25.08 -6.12 -5.24
N LYS A 404 24.01 -5.97 -4.46
CA LYS A 404 22.86 -5.20 -4.91
C LYS A 404 23.08 -3.71 -4.88
N ASP A 405 24.27 -3.23 -4.49
CA ASP A 405 24.57 -1.81 -4.62
C ASP A 405 24.66 -1.42 -6.08
N ASN A 406 25.28 -2.26 -6.91
CA ASN A 406 25.53 -1.96 -8.32
C ASN A 406 24.39 -2.40 -9.23
N ILE A 407 23.15 -2.34 -8.75
CA ILE A 407 21.98 -2.73 -9.54
C ILE A 407 21.00 -1.57 -9.52
N ASP A 408 20.80 -0.94 -10.69
CA ASP A 408 20.01 0.27 -10.87
C ASP A 408 18.54 -0.09 -11.08
N PRO A 409 17.62 0.45 -10.26
CA PRO A 409 16.21 0.11 -10.39
C PRO A 409 15.55 0.61 -11.67
N TYR A 410 16.26 1.34 -12.51
CA TYR A 410 15.72 1.78 -13.79
C TYR A 410 16.41 1.12 -14.98
N ILE A 411 17.43 0.31 -14.74
CA ILE A 411 17.93 -0.62 -15.74
C ILE A 411 17.21 -1.96 -15.62
N TYR A 412 17.03 -2.44 -14.41
CA TYR A 412 16.37 -3.72 -14.13
C TYR A 412 14.92 -3.42 -13.73
N THR A 413 14.01 -3.52 -14.70
CA THR A 413 12.61 -3.17 -14.50
C THR A 413 11.69 -4.28 -15.03
N PRO A 414 11.76 -5.48 -14.45
CA PRO A 414 10.93 -6.58 -14.96
C PRO A 414 9.44 -6.39 -14.70
N PHE A 415 9.07 -5.61 -13.68
CA PHE A 415 7.67 -5.29 -13.42
C PHE A 415 7.35 -3.83 -13.72
N GLY A 416 8.18 -3.17 -14.51
CA GLY A 416 7.98 -1.76 -14.76
C GLY A 416 8.39 -0.93 -13.55
N SER A 417 8.02 0.34 -13.61
CA SER A 417 8.35 1.28 -12.55
C SER A 417 7.29 2.37 -12.48
N GLY A 418 7.15 2.95 -11.29
CA GLY A 418 6.30 4.10 -11.11
C GLY A 418 4.82 3.78 -11.03
N PRO A 419 3.99 4.82 -11.10
CA PRO A 419 2.55 4.64 -10.85
C PRO A 419 1.85 3.63 -11.76
N ARG A 420 2.46 3.23 -12.88
CA ARG A 420 1.85 2.28 -13.80
C ARG A 420 2.65 0.99 -13.92
N ASN A 421 3.39 0.61 -12.87
CA ASN A 421 4.14 -0.64 -12.89
C ASN A 421 3.17 -1.81 -12.79
N CYS A 422 3.71 -3.00 -12.57
CA CYS A 422 2.88 -4.20 -12.46
C CYS A 422 2.08 -4.15 -11.17
N ILE A 423 0.75 -4.14 -11.29
CA ILE A 423 -0.10 -4.07 -10.10
C ILE A 423 -0.14 -5.40 -9.37
N GLY A 424 0.23 -6.50 -10.04
CA GLY A 424 0.21 -7.81 -9.42
C GLY A 424 1.60 -8.31 -9.09
N MET A 425 2.58 -7.41 -9.00
CA MET A 425 3.98 -7.79 -8.80
C MET A 425 4.15 -8.64 -7.55
N ARG A 426 3.75 -8.10 -6.40
CA ARG A 426 3.90 -8.83 -5.14
CA ARG A 426 3.90 -8.83 -5.14
C ARG A 426 3.13 -10.15 -5.19
N PHE A 427 1.91 -10.12 -5.75
CA PHE A 427 1.16 -11.37 -5.89
C PHE A 427 1.87 -12.34 -6.83
N ALA A 428 2.46 -11.82 -7.91
CA ALA A 428 3.15 -12.68 -8.87
C ALA A 428 4.37 -13.34 -8.24
N LEU A 429 5.16 -12.56 -7.49
CA LEU A 429 6.37 -13.11 -6.89
C LEU A 429 6.04 -14.14 -5.82
N MET A 430 5.05 -13.87 -4.98
CA MET A 430 4.70 -14.80 -3.92
C MET A 430 4.10 -16.08 -4.50
N ASN A 431 3.21 -15.95 -5.48
CA ASN A 431 2.61 -17.13 -6.10
C ASN A 431 3.66 -18.00 -6.76
N MET A 432 4.67 -17.39 -7.39
CA MET A 432 5.74 -18.17 -8.00
C MET A 432 6.68 -18.75 -6.94
N LYS A 433 6.91 -18.01 -5.86
CA LYS A 433 7.78 -18.51 -4.80
C LYS A 433 7.12 -19.64 -4.03
N LEU A 434 5.84 -19.48 -3.67
CA LEU A 434 5.10 -20.56 -3.03
C LEU A 434 5.11 -21.82 -3.91
N ALA A 435 5.06 -21.63 -5.22
CA ALA A 435 5.10 -22.77 -6.14
C ALA A 435 6.48 -23.42 -6.13
N LEU A 436 7.53 -22.60 -6.22
CA LEU A 436 8.89 -23.13 -6.27
C LEU A 436 9.24 -23.89 -4.99
N ILE A 437 8.80 -23.37 -3.84
CA ILE A 437 9.14 -23.99 -2.56
C ILE A 437 8.55 -25.39 -2.46
N ARG A 438 7.23 -25.48 -2.60
CA ARG A 438 6.55 -26.77 -2.44
C ARG A 438 6.92 -27.77 -3.53
N VAL A 439 7.65 -27.35 -4.56
CA VAL A 439 8.06 -28.24 -5.64
C VAL A 439 9.47 -28.76 -5.39
N LEU A 440 10.43 -27.84 -5.22
CA LEU A 440 11.78 -28.24 -4.90
C LEU A 440 11.88 -28.93 -3.55
N GLN A 441 10.89 -28.72 -2.67
CA GLN A 441 10.79 -29.49 -1.45
C GLN A 441 10.68 -30.98 -1.72
N ASN A 442 10.06 -31.36 -2.84
CA ASN A 442 9.72 -32.74 -3.10
C ASN A 442 10.39 -33.35 -4.32
N PHE A 443 11.05 -32.56 -5.17
CA PHE A 443 11.60 -33.10 -6.40
C PHE A 443 12.88 -32.37 -6.78
N SER A 444 13.66 -33.01 -7.65
CA SER A 444 14.76 -32.40 -8.37
C SER A 444 14.49 -32.53 -9.86
N PHE A 445 15.09 -31.64 -10.64
CA PHE A 445 14.78 -31.51 -12.06
C PHE A 445 16.06 -31.66 -12.88
N LYS A 446 16.09 -32.64 -13.77
CA LYS A 446 17.21 -32.91 -14.65
C LYS A 446 16.81 -32.71 -16.11
N PRO A 447 17.74 -32.29 -16.96
CA PRO A 447 17.47 -32.29 -18.39
C PRO A 447 17.27 -33.72 -18.91
N CYS A 448 16.71 -33.82 -20.12
CA CYS A 448 16.41 -35.14 -20.68
C CYS A 448 16.60 -35.18 -22.20
N LYS A 449 17.54 -34.40 -22.71
CA LYS A 449 17.97 -34.46 -24.12
C LYS A 449 16.90 -33.84 -25.00
N GLU A 450 15.67 -34.36 -24.96
CA GLU A 450 14.58 -33.63 -25.60
C GLU A 450 14.38 -32.22 -25.07
N THR A 451 14.97 -31.90 -23.91
CA THR A 451 15.07 -30.52 -23.46
C THR A 451 15.95 -29.72 -24.42
N GLN A 452 15.37 -28.67 -25.00
CA GLN A 452 16.11 -27.83 -25.94
C GLN A 452 17.20 -27.06 -25.19
N ILE A 453 18.46 -27.43 -25.42
CA ILE A 453 19.59 -26.80 -24.77
C ILE A 453 20.60 -26.39 -25.84
N PRO A 454 20.99 -25.11 -25.93
CA PRO A 454 20.46 -24.04 -25.10
C PRO A 454 19.06 -23.59 -25.55
N LEU A 455 18.36 -22.87 -24.69
CA LEU A 455 16.97 -22.52 -24.95
C LEU A 455 16.87 -21.47 -26.05
N LYS A 456 16.12 -21.79 -27.11
CA LYS A 456 15.81 -20.83 -28.16
C LYS A 456 14.54 -20.08 -27.80
N LEU A 457 14.57 -18.76 -27.97
CA LEU A 457 13.41 -17.92 -27.69
C LEU A 457 12.58 -17.74 -28.95
N SER A 458 11.25 -17.67 -28.76
CA SER A 458 10.32 -17.52 -29.87
C SER A 458 10.60 -16.25 -30.67
N LEU A 459 10.95 -16.42 -31.94
CA LEU A 459 11.31 -15.30 -32.81
C LEU A 459 10.06 -14.52 -33.19
N GLY A 460 8.92 -14.86 -32.57
CA GLY A 460 7.66 -14.17 -32.84
C GLY A 460 7.43 -12.99 -31.95
N GLY A 461 6.18 -12.81 -31.55
CA GLY A 461 5.78 -11.66 -30.75
C GLY A 461 6.16 -11.72 -29.28
N LEU A 462 5.48 -12.57 -28.52
CA LEU A 462 5.67 -12.60 -27.08
C LEU A 462 6.90 -13.44 -26.70
N LEU A 463 7.30 -13.33 -25.44
CA LEU A 463 8.52 -13.97 -24.95
C LEU A 463 8.18 -15.37 -24.46
N GLN A 464 8.46 -16.36 -25.30
CA GLN A 464 8.31 -17.77 -24.98
C GLN A 464 9.45 -18.53 -25.65
N PRO A 465 9.70 -19.78 -25.30
CA PRO A 465 10.70 -20.57 -26.03
C PRO A 465 10.11 -21.19 -27.28
N GLU A 466 11.01 -21.59 -28.18
CA GLU A 466 10.60 -22.28 -29.40
C GLU A 466 9.95 -23.63 -29.13
N LYS A 467 10.72 -24.57 -28.63
CA LYS A 467 10.14 -25.84 -28.22
C LYS A 467 9.78 -25.69 -26.74
N PRO A 468 8.69 -26.31 -26.29
CA PRO A 468 8.30 -26.22 -24.88
C PRO A 468 9.39 -26.76 -23.98
N VAL A 469 9.32 -26.37 -22.71
CA VAL A 469 10.30 -26.78 -21.71
C VAL A 469 9.86 -28.13 -21.15
N VAL A 470 10.65 -29.16 -21.41
CA VAL A 470 10.41 -30.51 -20.91
C VAL A 470 11.62 -30.92 -20.08
N LEU A 471 11.37 -31.47 -18.90
CA LEU A 471 12.43 -31.87 -17.99
C LEU A 471 12.09 -33.21 -17.36
N LYS A 472 13.11 -33.86 -16.83
CA LYS A 472 12.92 -35.08 -16.05
C LYS A 472 12.75 -34.72 -14.58
N VAL A 473 11.78 -35.37 -13.93
CA VAL A 473 11.47 -35.11 -12.53
C VAL A 473 11.80 -36.36 -11.73
N GLU A 474 12.67 -36.22 -10.75
CA GLU A 474 13.00 -37.28 -9.81
C GLU A 474 12.51 -36.89 -8.42
N SER A 475 12.16 -37.89 -7.63
CA SER A 475 11.64 -37.65 -6.28
C SER A 475 12.78 -37.75 -5.28
N ARG A 476 12.67 -36.95 -4.22
CA ARG A 476 13.70 -36.89 -3.19
C ARG A 476 13.38 -37.84 -2.03
N SER B 9 -6.96 -10.86 43.48
CA SER B 9 -7.19 -10.53 42.08
C SER B 9 -5.89 -10.15 41.38
N HIS B 10 -4.79 -10.23 42.11
CA HIS B 10 -3.47 -9.88 41.58
C HIS B 10 -2.62 -11.09 41.24
N GLY B 11 -3.14 -12.30 41.40
CA GLY B 11 -2.41 -13.49 41.01
C GLY B 11 -2.89 -14.07 39.70
N LEU B 12 -3.45 -13.21 38.85
CA LEU B 12 -4.05 -13.67 37.61
C LEU B 12 -2.99 -14.08 36.60
N PHE B 13 -2.10 -13.15 36.24
CA PHE B 13 -1.04 -13.48 35.28
C PHE B 13 -0.09 -14.54 35.83
N LYS B 14 -0.07 -14.73 37.15
CA LYS B 14 0.70 -15.84 37.71
C LYS B 14 0.00 -17.17 37.45
N LYS B 15 -1.34 -17.17 37.47
CA LYS B 15 -2.09 -18.38 37.14
C LYS B 15 -1.86 -18.79 35.69
N LEU B 16 -2.11 -17.86 34.76
CA LEU B 16 -2.01 -18.16 33.34
C LEU B 16 -0.56 -18.31 32.86
N GLY B 17 0.41 -18.21 33.76
CA GLY B 17 1.80 -18.38 33.37
C GLY B 17 2.36 -17.30 32.47
N ILE B 18 1.75 -16.12 32.48
CA ILE B 18 2.17 -15.01 31.63
C ILE B 18 3.14 -14.14 32.42
N PRO B 19 4.31 -13.82 31.88
CA PRO B 19 5.29 -13.04 32.64
C PRO B 19 4.83 -11.61 32.85
N GLY B 20 5.48 -10.93 33.81
CA GLY B 20 5.15 -9.56 34.11
C GLY B 20 5.81 -9.04 35.37
N PRO B 21 5.81 -7.72 35.54
CA PRO B 21 6.39 -7.13 36.75
C PRO B 21 5.47 -7.29 37.95
N THR B 22 6.09 -7.47 39.11
CA THR B 22 5.34 -7.81 40.32
C THR B 22 4.43 -6.66 40.75
N PRO B 23 3.17 -6.91 41.06
CA PRO B 23 2.28 -5.82 41.47
C PRO B 23 2.32 -5.54 42.97
N LEU B 24 2.43 -4.26 43.32
CA LEU B 24 2.20 -3.87 44.70
C LEU B 24 0.69 -3.93 44.98
N PRO B 25 0.31 -4.23 46.23
CA PRO B 25 -1.12 -4.30 46.55
C PRO B 25 -1.82 -2.97 46.29
N PHE B 26 -3.07 -3.07 45.83
CA PHE B 26 -3.92 -1.92 45.52
C PHE B 26 -3.36 -1.21 44.29
N LEU B 27 -2.09 -0.80 44.34
CA LEU B 27 -1.50 -0.07 43.22
C LEU B 27 -1.29 -0.86 41.94
N GLY B 28 -0.81 -2.10 42.05
CA GLY B 28 -0.39 -2.84 40.88
C GLY B 28 0.96 -2.37 40.39
N ASN B 29 1.02 -1.89 39.15
CA ASN B 29 2.27 -1.46 38.53
C ASN B 29 2.30 0.03 38.22
N ILE B 30 1.28 0.80 38.62
CA ILE B 30 1.16 2.19 38.21
C ILE B 30 2.29 3.06 38.74
N LEU B 31 3.10 2.56 39.68
CA LEU B 31 4.29 3.30 40.11
C LEU B 31 5.41 3.26 39.10
N SER B 32 5.32 2.38 38.09
CA SER B 32 6.29 2.35 37.01
C SER B 32 5.99 3.36 35.92
N TYR B 33 4.81 3.99 35.95
CA TYR B 33 4.46 5.05 35.01
C TYR B 33 5.20 6.36 35.30
N HIS B 34 6.13 6.37 36.25
CA HIS B 34 6.85 7.60 36.55
C HIS B 34 7.65 8.10 35.35
N LYS B 35 7.99 7.21 34.42
CA LYS B 35 8.60 7.58 33.15
C LYS B 35 7.58 7.72 32.03
N GLY B 36 6.30 7.51 32.33
CA GLY B 36 5.26 7.56 31.31
C GLY B 36 4.91 6.18 30.79
N PHE B 37 3.78 6.11 30.09
CA PHE B 37 3.35 4.86 29.48
C PHE B 37 4.40 4.34 28.51
N CYS B 38 4.96 5.23 27.69
CA CYS B 38 5.79 4.80 26.56
C CYS B 38 7.06 4.10 27.04
N MET B 39 7.77 4.72 27.99
CA MET B 39 9.00 4.11 28.48
C MET B 39 8.73 2.83 29.26
N PHE B 40 7.55 2.71 29.87
CA PHE B 40 7.20 1.50 30.59
C PHE B 40 6.98 0.32 29.64
N ASP B 41 6.24 0.55 28.56
CA ASP B 41 5.97 -0.52 27.61
C ASP B 41 7.24 -1.00 26.94
N MET B 42 8.18 -0.08 26.66
CA MET B 42 9.42 -0.47 26.00
C MET B 42 10.33 -1.27 26.93
N GLU B 43 10.42 -0.84 28.20
CA GLU B 43 11.12 -1.65 29.20
C GLU B 43 10.50 -3.03 29.28
N CYS B 44 9.17 -3.10 29.33
CA CYS B 44 8.48 -4.39 29.41
C CYS B 44 8.67 -5.20 28.14
N HIS B 45 8.74 -4.54 26.99
CA HIS B 45 8.95 -5.26 25.73
C HIS B 45 10.28 -5.99 25.73
N LYS B 46 11.31 -5.40 26.35
CA LYS B 46 12.63 -6.00 26.36
C LYS B 46 12.71 -7.13 27.38
N LYS B 47 12.31 -6.86 28.62
CA LYS B 47 12.48 -7.85 29.68
C LYS B 47 11.54 -9.03 29.47
N TYR B 48 10.25 -8.77 29.32
CA TYR B 48 9.24 -9.81 29.09
C TYR B 48 8.87 -9.80 27.61
N GLY B 49 9.50 -10.67 26.83
CA GLY B 49 9.31 -10.64 25.40
C GLY B 49 7.96 -11.16 24.96
N LYS B 50 7.59 -10.74 23.74
CA LYS B 50 6.37 -11.17 23.05
C LYS B 50 5.06 -10.76 23.72
N VAL B 51 4.84 -11.22 24.96
CA VAL B 51 3.57 -11.03 25.65
C VAL B 51 3.85 -10.91 27.14
N TRP B 52 3.18 -9.96 27.79
CA TRP B 52 3.29 -9.79 29.23
C TRP B 52 2.01 -9.16 29.76
N GLY B 53 1.83 -9.27 31.08
CA GLY B 53 0.67 -8.70 31.73
C GLY B 53 0.98 -7.97 33.01
N PHE B 54 0.44 -6.76 33.15
CA PHE B 54 0.64 -5.93 34.33
C PHE B 54 -0.73 -5.50 34.86
N TYR B 55 -0.72 -4.65 35.89
CA TYR B 55 -1.93 -4.27 36.59
C TYR B 55 -2.02 -2.75 36.72
N ASP B 56 -3.18 -2.19 36.36
CA ASP B 56 -3.50 -0.80 36.63
C ASP B 56 -4.44 -0.78 37.83
N GLY B 57 -3.84 -0.81 39.02
CA GLY B 57 -4.61 -1.00 40.24
C GLY B 57 -5.08 -2.42 40.36
N GLN B 58 -6.39 -2.63 40.35
CA GLN B 58 -6.95 -3.97 40.32
C GLN B 58 -7.28 -4.45 38.91
N GLN B 59 -6.92 -3.68 37.89
CA GLN B 59 -7.30 -3.98 36.51
C GLN B 59 -6.16 -4.70 35.82
N PRO B 60 -6.29 -5.98 35.49
CA PRO B 60 -5.23 -6.69 34.76
C PRO B 60 -5.22 -6.30 33.29
N VAL B 61 -4.02 -6.05 32.78
CA VAL B 61 -3.82 -5.58 31.41
C VAL B 61 -2.88 -6.55 30.71
N LEU B 62 -3.34 -7.16 29.62
CA LEU B 62 -2.55 -8.09 28.83
C LEU B 62 -2.03 -7.36 27.60
N ALA B 63 -0.72 -7.16 27.53
CA ALA B 63 -0.09 -6.49 26.41
C ALA B 63 0.33 -7.53 25.38
N ILE B 64 -0.19 -7.42 24.16
CA ILE B 64 0.07 -8.38 23.10
C ILE B 64 0.83 -7.66 21.97
N THR B 65 1.81 -8.36 21.40
CA THR B 65 2.64 -7.81 20.34
C THR B 65 2.65 -8.66 19.08
N ASP B 66 1.99 -9.82 19.08
CA ASP B 66 1.97 -10.68 17.91
C ASP B 66 0.99 -10.12 16.87
N PRO B 67 1.42 -9.86 15.64
CA PRO B 67 0.54 -9.19 14.68
C PRO B 67 -0.69 -10.01 14.30
N ASP B 68 -0.59 -11.35 14.32
CA ASP B 68 -1.78 -12.17 14.10
C ASP B 68 -2.75 -12.05 15.27
N MET B 69 -2.22 -12.02 16.49
CA MET B 69 -3.06 -11.82 17.66
C MET B 69 -3.68 -10.42 17.66
N ILE B 70 -2.90 -9.42 17.25
CA ILE B 70 -3.42 -8.05 17.12
C ILE B 70 -4.57 -8.02 16.14
N LYS B 71 -4.44 -8.77 15.03
CA LYS B 71 -5.51 -8.78 14.02
C LYS B 71 -6.77 -9.45 14.55
N THR B 72 -6.61 -10.53 15.33
CA THR B 72 -7.77 -11.20 15.92
C THR B 72 -8.52 -10.26 16.85
N VAL B 73 -7.80 -9.53 17.71
CA VAL B 73 -8.43 -8.63 18.66
C VAL B 73 -9.05 -7.43 17.94
N LEU B 74 -8.31 -6.83 17.00
CA LEU B 74 -8.77 -5.58 16.41
C LEU B 74 -9.76 -5.77 15.28
N VAL B 75 -9.63 -6.85 14.50
CA VAL B 75 -10.47 -7.01 13.32
C VAL B 75 -11.38 -8.23 13.44
N LYS B 76 -10.78 -9.42 13.54
CA LYS B 76 -11.54 -10.66 13.42
C LYS B 76 -12.59 -10.77 14.53
N GLU B 77 -12.16 -10.75 15.78
CA GLU B 77 -13.05 -10.91 16.92
C GLU B 77 -13.45 -9.57 17.55
N CYS B 78 -13.44 -8.49 16.76
CA CYS B 78 -13.85 -7.19 17.27
C CYS B 78 -15.31 -7.18 17.68
N TYR B 79 -16.22 -7.29 16.71
CA TYR B 79 -17.66 -7.24 16.97
C TYR B 79 -18.10 -8.24 18.02
N SER B 80 -17.34 -9.32 18.23
CA SER B 80 -17.76 -10.40 19.12
C SER B 80 -17.22 -10.23 20.53
N VAL B 81 -15.90 -10.23 20.70
CA VAL B 81 -15.27 -10.30 22.01
C VAL B 81 -14.63 -8.99 22.41
N PHE B 82 -13.90 -8.34 21.50
CA PHE B 82 -13.15 -7.14 21.84
C PHE B 82 -13.82 -5.90 21.23
N THR B 83 -15.04 -5.63 21.68
CA THR B 83 -15.82 -4.53 21.10
C THR B 83 -15.50 -3.19 21.75
N ASN B 84 -15.18 -3.18 23.04
CA ASN B 84 -15.19 -1.96 23.84
C ASN B 84 -13.81 -1.67 24.41
N ARG B 85 -13.50 -0.38 24.52
CA ARG B 85 -12.27 0.06 25.14
C ARG B 85 -12.41 0.00 26.66
N ARG B 86 -11.37 0.44 27.36
CA ARG B 86 -11.38 0.40 28.82
C ARG B 86 -12.45 1.33 29.37
N PRO B 87 -13.18 0.92 30.40
CA PRO B 87 -14.22 1.79 30.96
C PRO B 87 -13.64 3.09 31.49
N PHE B 88 -14.26 4.20 31.05
CA PHE B 88 -13.80 5.54 31.38
C PHE B 88 -14.96 6.31 32.00
N GLY B 89 -14.79 6.74 33.24
CA GLY B 89 -15.82 7.48 33.94
C GLY B 89 -15.26 8.22 35.13
N PRO B 90 -16.10 9.06 35.78
CA PRO B 90 -17.48 9.38 35.44
C PRO B 90 -17.59 10.34 34.26
N VAL B 91 -18.62 10.17 33.42
CA VAL B 91 -18.75 10.90 32.18
C VAL B 91 -20.04 11.70 32.10
N GLY B 92 -21.14 11.14 32.60
CA GLY B 92 -22.41 11.86 32.55
C GLY B 92 -23.05 11.74 31.19
N PHE B 93 -23.37 12.89 30.57
CA PHE B 93 -23.97 12.87 29.25
C PHE B 93 -22.97 12.54 28.15
N MET B 94 -21.68 12.47 28.48
CA MET B 94 -20.66 12.09 27.51
C MET B 94 -20.51 10.59 27.36
N LYS B 95 -21.37 9.80 28.02
CA LYS B 95 -21.38 8.36 27.83
C LYS B 95 -21.85 7.95 26.44
N SER B 96 -22.51 8.87 25.72
CA SER B 96 -23.08 8.58 24.42
C SER B 96 -22.14 8.85 23.27
N ALA B 97 -20.92 9.30 23.54
CA ALA B 97 -19.95 9.54 22.49
C ALA B 97 -19.49 8.22 21.87
N ILE B 98 -19.11 8.29 20.60
CA ILE B 98 -18.76 7.08 19.85
C ILE B 98 -17.53 6.41 20.47
N SER B 99 -16.59 7.20 20.98
CA SER B 99 -15.38 6.64 21.56
C SER B 99 -15.60 6.04 22.95
N ILE B 100 -16.75 6.30 23.57
CA ILE B 100 -17.01 5.85 24.94
C ILE B 100 -18.19 4.87 24.97
N ALA B 101 -19.10 5.02 24.03
CA ALA B 101 -20.27 4.14 23.97
C ALA B 101 -19.83 2.69 23.73
N GLU B 102 -20.76 1.77 23.95
CA GLU B 102 -20.46 0.34 23.92
C GLU B 102 -21.51 -0.42 23.15
N ASP B 103 -21.06 -1.42 22.39
CA ASP B 103 -21.92 -2.42 21.76
C ASP B 103 -22.94 -1.76 20.83
N GLU B 104 -24.23 -1.91 21.16
CA GLU B 104 -25.28 -1.47 20.25
C GLU B 104 -25.20 0.02 19.93
N GLU B 105 -25.04 0.86 20.95
CA GLU B 105 -24.94 2.29 20.72
C GLU B 105 -23.74 2.63 19.85
N TRP B 106 -22.63 1.90 20.01
CA TRP B 106 -21.46 2.13 19.17
C TRP B 106 -21.75 1.78 17.72
N LYS B 107 -22.54 0.73 17.49
CA LYS B 107 -22.82 0.29 16.13
C LYS B 107 -23.66 1.31 15.38
N ARG B 108 -24.74 1.79 16.01
CA ARG B 108 -25.60 2.75 15.34
C ARG B 108 -24.88 4.06 15.04
N LEU B 109 -23.91 4.43 15.89
CA LEU B 109 -23.19 5.69 15.67
C LEU B 109 -22.03 5.53 14.71
N ARG B 110 -21.33 4.39 14.77
CA ARG B 110 -20.24 4.15 13.84
C ARG B 110 -20.72 4.16 12.39
N SER B 111 -21.91 3.60 12.15
CA SER B 111 -22.50 3.66 10.82
C SER B 111 -23.08 5.04 10.52
N LEU B 112 -23.56 5.75 11.54
CA LEU B 112 -24.21 7.03 11.32
C LEU B 112 -23.20 8.10 10.91
N LEU B 113 -22.03 8.11 11.52
CA LEU B 113 -21.02 9.13 11.26
C LEU B 113 -19.97 8.69 10.26
N SER B 114 -20.02 7.43 9.80
CA SER B 114 -19.15 7.01 8.70
C SER B 114 -19.34 7.82 7.42
N PRO B 115 -20.56 8.21 7.02
CA PRO B 115 -20.68 9.02 5.78
C PRO B 115 -19.98 10.36 5.84
N THR B 116 -19.50 10.79 7.01
CA THR B 116 -18.84 12.09 7.11
C THR B 116 -17.54 12.12 6.29
N PHE B 117 -16.91 10.97 6.09
CA PHE B 117 -15.62 10.91 5.42
C PHE B 117 -15.65 9.96 4.23
N THR B 118 -16.80 9.84 3.58
CA THR B 118 -16.84 9.25 2.25
C THR B 118 -15.98 10.08 1.29
N SER B 119 -15.56 9.45 0.21
CA SER B 119 -14.72 10.15 -0.77
C SER B 119 -15.41 11.39 -1.33
N GLY B 120 -16.74 11.46 -1.25
CA GLY B 120 -17.47 12.62 -1.69
C GLY B 120 -17.48 13.75 -0.67
N LYS B 121 -17.94 13.44 0.55
CA LYS B 121 -17.97 14.46 1.60
C LYS B 121 -16.59 14.99 1.92
N LEU B 122 -15.55 14.19 1.69
CA LEU B 122 -14.18 14.61 1.98
C LEU B 122 -13.62 15.52 0.89
N LYS B 123 -14.08 15.35 -0.34
CA LYS B 123 -13.71 16.25 -1.42
C LYS B 123 -14.52 17.55 -1.40
N GLU B 124 -15.63 17.57 -0.65
CA GLU B 124 -16.41 18.80 -0.48
C GLU B 124 -15.72 19.81 0.44
N MET B 125 -14.73 19.37 1.21
CA MET B 125 -14.09 20.20 2.22
C MET B 125 -12.80 20.86 1.73
N VAL B 126 -12.36 20.54 0.52
CA VAL B 126 -11.10 21.06 0.02
C VAL B 126 -11.16 22.57 -0.21
N PRO B 127 -12.20 23.13 -0.86
CA PRO B 127 -12.29 24.59 -0.95
C PRO B 127 -12.55 25.26 0.39
N ILE B 128 -13.09 24.54 1.37
CA ILE B 128 -13.28 25.12 2.69
C ILE B 128 -11.96 25.24 3.42
N ILE B 129 -11.08 24.25 3.27
CA ILE B 129 -9.78 24.30 3.93
C ILE B 129 -8.82 25.23 3.20
N ALA B 130 -8.91 25.31 1.87
CA ALA B 130 -7.97 26.10 1.09
C ALA B 130 -8.00 27.59 1.42
N GLN B 131 -9.03 28.06 2.13
CA GLN B 131 -9.07 29.45 2.55
C GLN B 131 -8.16 29.71 3.74
N TYR B 132 -8.18 28.81 4.73
CA TYR B 132 -7.38 28.98 5.94
C TYR B 132 -5.90 28.68 5.70
N GLY B 133 -5.57 28.01 4.60
CA GLY B 133 -4.17 27.79 4.25
C GLY B 133 -3.43 29.04 3.80
N ASP B 134 -4.16 30.12 3.51
CA ASP B 134 -3.55 31.40 3.22
C ASP B 134 -3.46 32.30 4.43
N VAL B 135 -4.39 32.16 5.39
CA VAL B 135 -4.29 32.89 6.64
C VAL B 135 -3.13 32.36 7.47
N LEU B 136 -2.82 31.07 7.33
CA LEU B 136 -1.67 30.51 8.03
C LEU B 136 -0.36 31.07 7.48
N VAL B 137 -0.26 31.19 6.16
CA VAL B 137 0.95 31.76 5.57
C VAL B 137 1.04 33.25 5.86
N ARG B 138 -0.11 33.93 5.92
CA ARG B 138 -0.09 35.37 6.16
C ARG B 138 0.19 35.67 7.62
N ASN B 139 -0.12 34.74 8.53
CA ASN B 139 0.22 34.94 9.94
C ASN B 139 1.66 34.56 10.24
N LEU B 140 2.20 33.55 9.54
CA LEU B 140 3.60 33.21 9.72
C LEU B 140 4.52 34.24 9.11
N ARG B 141 4.07 34.92 8.04
CA ARG B 141 4.93 35.89 7.37
C ARG B 141 5.15 37.13 8.22
N ARG B 142 4.20 37.45 9.12
CA ARG B 142 4.41 38.55 10.04
C ARG B 142 5.46 38.22 11.08
N GLU B 143 5.57 36.95 11.45
CA GLU B 143 6.58 36.47 12.39
C GLU B 143 7.82 35.92 11.70
N ALA B 144 7.84 35.88 10.37
CA ALA B 144 9.01 35.45 9.62
C ALA B 144 9.82 36.61 9.07
N GLU B 145 9.16 37.67 8.60
CA GLU B 145 9.87 38.86 8.18
C GLU B 145 10.58 39.52 9.36
N THR B 146 10.10 39.30 10.56
CA THR B 146 10.80 39.68 11.78
C THR B 146 11.45 38.39 12.25
N GLY B 147 12.65 38.50 12.83
CA GLY B 147 13.39 37.33 13.25
C GLY B 147 12.89 36.91 14.61
N LYS B 148 11.65 36.40 14.67
CA LYS B 148 11.04 35.99 15.91
C LYS B 148 10.80 34.49 15.90
N PRO B 149 11.31 33.75 16.89
CA PRO B 149 11.03 32.31 16.98
C PRO B 149 9.54 32.07 17.20
N VAL B 150 8.97 31.19 16.40
CA VAL B 150 7.53 30.94 16.39
C VAL B 150 7.25 29.68 17.20
N THR B 151 6.33 29.79 18.15
CA THR B 151 5.79 28.62 18.85
C THR B 151 4.82 27.92 17.90
N LEU B 152 5.18 26.71 17.47
CA LEU B 152 4.50 26.09 16.33
C LEU B 152 3.07 25.67 16.69
N LYS B 153 2.85 25.15 17.89
CA LYS B 153 1.53 24.61 18.21
C LYS B 153 0.49 25.71 18.39
N ASP B 154 0.90 26.96 18.56
CA ASP B 154 -0.06 28.05 18.63
C ASP B 154 -0.65 28.35 17.26
N VAL B 155 0.20 28.69 16.29
CA VAL B 155 -0.27 29.01 14.95
C VAL B 155 -0.89 27.79 14.28
N PHE B 156 -0.44 26.60 14.65
CA PHE B 156 -1.05 25.38 14.11
C PHE B 156 -2.40 25.13 14.74
N GLY B 157 -2.49 25.21 16.07
CA GLY B 157 -3.74 24.97 16.75
C GLY B 157 -4.85 25.92 16.31
N ALA B 158 -4.48 27.12 15.86
CA ALA B 158 -5.47 28.03 15.30
C ALA B 158 -6.03 27.48 13.99
N TYR B 159 -5.14 27.01 13.11
CA TYR B 159 -5.59 26.44 11.83
C TYR B 159 -6.41 25.17 12.04
N SER B 160 -6.13 24.42 13.11
CA SER B 160 -6.86 23.20 13.37
C SER B 160 -8.27 23.48 13.89
N MET B 161 -8.47 24.62 14.56
CA MET B 161 -9.79 24.96 15.07
C MET B 161 -10.72 25.42 13.95
N ASP B 162 -10.20 26.23 13.02
CA ASP B 162 -11.02 26.70 11.91
C ASP B 162 -11.50 25.53 11.05
N VAL B 163 -10.59 24.63 10.70
CA VAL B 163 -10.93 23.55 9.78
C VAL B 163 -12.01 22.65 10.35
N ILE B 164 -11.97 22.42 11.66
CA ILE B 164 -12.95 21.53 12.27
C ILE B 164 -14.29 22.23 12.55
N THR B 165 -14.29 23.55 12.71
CA THR B 165 -15.52 24.29 12.89
C THR B 165 -16.15 24.72 11.57
N SER B 166 -15.54 24.40 10.43
CA SER B 166 -16.09 24.72 9.13
C SER B 166 -16.28 23.51 8.22
N THR B 167 -15.63 22.39 8.49
CA THR B 167 -15.92 21.16 7.77
C THR B 167 -16.93 20.28 8.49
N SER B 168 -17.34 20.68 9.70
CA SER B 168 -18.33 19.94 10.47
C SER B 168 -19.55 20.76 10.85
N PHE B 169 -19.50 22.08 10.73
CA PHE B 169 -20.63 22.92 11.09
C PHE B 169 -20.83 24.01 10.05
N GLY B 170 -19.73 24.55 9.54
CA GLY B 170 -19.77 25.60 8.56
C GLY B 170 -19.71 27.02 9.10
N VAL B 171 -19.01 27.26 10.19
CA VAL B 171 -18.95 28.57 10.82
C VAL B 171 -17.48 29.00 10.89
N ASN B 172 -17.21 30.22 10.46
CA ASN B 172 -15.86 30.78 10.45
C ASN B 172 -15.70 31.68 11.68
N ILE B 173 -14.73 31.36 12.53
CA ILE B 173 -14.55 32.10 13.78
C ILE B 173 -13.08 32.38 14.06
N ASP B 174 -12.31 31.31 14.30
CA ASP B 174 -10.93 31.46 14.76
C ASP B 174 -10.08 32.16 13.70
N SER B 175 -9.05 32.86 14.18
CA SER B 175 -8.04 33.52 13.36
C SER B 175 -8.64 34.36 12.24
N PRO B 179 -6.23 34.50 17.16
CA PRO B 179 -5.50 34.91 18.36
C PRO B 179 -6.15 34.38 19.63
N GLN B 180 -6.64 35.28 20.48
CA GLN B 180 -7.36 34.90 21.67
C GLN B 180 -8.77 34.49 21.27
N ASP B 181 -8.93 33.21 20.93
CA ASP B 181 -10.18 32.62 20.48
C ASP B 181 -10.80 31.84 21.62
N PRO B 182 -12.09 32.02 21.91
CA PRO B 182 -12.71 31.28 23.02
C PRO B 182 -12.81 29.79 22.76
N PHE B 183 -12.74 29.34 21.52
CA PHE B 183 -12.81 27.91 21.22
C PHE B 183 -11.49 27.21 21.55
N VAL B 184 -10.39 27.68 20.96
CA VAL B 184 -9.08 27.10 21.24
C VAL B 184 -8.77 27.16 22.73
N GLU B 185 -9.31 28.16 23.43
CA GLU B 185 -9.04 28.31 24.85
C GLU B 185 -9.76 27.26 25.66
N ASN B 186 -11.07 27.09 25.43
CA ASN B 186 -11.83 26.08 26.16
C ASN B 186 -11.50 24.67 25.68
N THR B 187 -11.09 24.52 24.42
CA THR B 187 -10.81 23.18 23.90
C THR B 187 -9.51 22.63 24.46
N LYS B 188 -8.48 23.48 24.60
CA LYS B 188 -7.18 22.97 25.04
C LYS B 188 -7.23 22.48 26.48
N LYS B 189 -8.07 23.10 27.32
CA LYS B 189 -8.25 22.66 28.70
C LYS B 189 -9.45 21.73 28.85
N LEU B 190 -9.80 20.98 27.80
CA LEU B 190 -10.93 20.06 27.87
C LEU B 190 -10.58 18.81 28.68
N LEU B 191 -9.36 18.31 28.54
CA LEU B 191 -8.90 17.21 29.38
C LEU B 191 -7.39 17.30 29.57
N ARG B 192 -6.96 17.06 30.80
CA ARG B 192 -5.56 17.13 31.20
C ARG B 192 -5.31 15.91 32.09
N PHE B 193 -4.93 14.79 31.46
CA PHE B 193 -4.60 13.58 32.22
C PHE B 193 -3.17 13.72 32.74
N ASP B 194 -3.04 14.56 33.76
CA ASP B 194 -1.83 14.58 34.56
C ASP B 194 -1.87 13.40 35.52
N PHE B 195 -0.93 12.47 35.37
CA PHE B 195 -1.01 11.23 36.13
C PHE B 195 -0.65 11.42 37.60
N LEU B 196 -0.14 12.59 37.99
CA LEU B 196 0.11 12.88 39.39
C LEU B 196 -1.02 13.67 40.03
N ASP B 197 -2.03 14.05 39.28
CA ASP B 197 -3.27 14.57 39.86
C ASP B 197 -3.94 13.43 40.62
N PRO B 198 -4.25 13.59 41.91
CA PRO B 198 -4.88 12.50 42.66
C PRO B 198 -6.23 12.05 42.10
N PHE B 199 -6.70 12.71 41.05
CA PHE B 199 -8.00 12.36 40.47
C PHE B 199 -7.86 11.22 39.46
N PHE B 200 -7.10 11.44 38.39
CA PHE B 200 -6.98 10.42 37.35
C PHE B 200 -6.21 9.20 37.85
N LEU B 201 -5.34 9.38 38.83
CA LEU B 201 -4.64 8.24 39.43
C LEU B 201 -5.62 7.29 40.08
N SER B 202 -6.37 7.78 41.07
CA SER B 202 -7.19 6.91 41.92
C SER B 202 -8.27 6.21 41.12
N ILE B 203 -9.10 6.99 40.41
CA ILE B 203 -10.24 6.44 39.69
C ILE B 203 -9.81 5.36 38.69
N THR B 204 -8.56 5.39 38.24
CA THR B 204 -8.02 4.30 37.44
C THR B 204 -7.51 3.17 38.33
N VAL B 205 -6.87 3.52 39.45
CA VAL B 205 -6.32 2.50 40.34
C VAL B 205 -7.39 1.91 41.25
N PHE B 206 -8.25 2.76 41.81
CA PHE B 206 -9.36 2.34 42.66
C PHE B 206 -10.67 2.69 41.98
N PRO B 207 -11.03 1.97 40.91
CA PRO B 207 -12.18 2.36 40.09
C PRO B 207 -13.53 2.05 40.72
N PHE B 208 -13.55 1.25 41.78
CA PHE B 208 -14.77 0.87 42.48
C PHE B 208 -15.49 2.03 43.11
N LEU B 209 -15.04 3.28 42.91
CA LEU B 209 -15.76 4.48 43.34
C LEU B 209 -16.30 5.28 42.16
N ILE B 210 -16.15 4.77 40.94
CA ILE B 210 -16.67 5.49 39.77
C ILE B 210 -18.18 5.70 39.85
N PRO B 211 -19.01 4.67 40.09
CA PRO B 211 -20.46 4.91 40.19
C PRO B 211 -20.89 5.80 41.34
N ILE B 212 -20.01 6.09 42.31
CA ILE B 212 -20.34 7.10 43.32
C ILE B 212 -20.43 8.47 42.66
N LEU B 213 -19.47 8.78 41.79
CA LEU B 213 -19.47 10.05 41.10
C LEU B 213 -20.49 10.10 39.97
N GLU B 214 -20.98 8.94 39.52
CA GLU B 214 -21.98 8.91 38.46
C GLU B 214 -23.37 9.23 38.98
N VAL B 215 -23.75 8.66 40.13
CA VAL B 215 -25.03 9.00 40.74
C VAL B 215 -24.99 10.35 41.44
N LEU B 216 -23.81 10.93 41.62
CA LEU B 216 -23.64 12.27 42.16
C LEU B 216 -23.56 13.33 41.06
N ASN B 217 -23.81 12.96 39.81
CA ASN B 217 -23.81 13.88 38.68
C ASN B 217 -22.44 14.54 38.49
N ILE B 218 -21.38 13.78 38.76
CA ILE B 218 -20.02 14.26 38.60
C ILE B 218 -19.47 13.74 37.29
N CYS B 219 -18.50 14.47 36.74
CA CYS B 219 -17.92 14.14 35.43
C CYS B 219 -16.44 14.49 35.44
N VAL B 220 -15.69 13.83 34.55
CA VAL B 220 -14.27 14.11 34.42
C VAL B 220 -14.04 15.39 33.63
N PHE B 221 -14.93 15.72 32.71
CA PHE B 221 -14.75 16.93 31.94
C PHE B 221 -15.26 18.13 32.73
N PRO B 222 -14.54 19.26 32.69
CA PRO B 222 -14.98 20.44 33.46
C PRO B 222 -16.40 20.86 33.10
N ARG B 223 -17.16 21.26 34.12
CA ARG B 223 -18.56 21.58 33.92
C ARG B 223 -18.74 22.75 32.96
N GLU B 224 -18.05 23.86 33.22
CA GLU B 224 -18.20 25.05 32.39
C GLU B 224 -17.26 25.06 31.19
N VAL B 225 -16.50 23.98 30.96
CA VAL B 225 -15.91 23.76 29.65
C VAL B 225 -16.85 22.92 28.79
N THR B 226 -17.60 22.00 29.41
CA THR B 226 -18.66 21.30 28.68
C THR B 226 -19.84 22.20 28.36
N ASN B 227 -19.99 23.32 29.06
CA ASN B 227 -21.08 24.25 28.81
C ASN B 227 -20.77 25.24 27.68
N PHE B 228 -19.51 25.71 27.61
CA PHE B 228 -19.13 26.56 26.49
C PHE B 228 -19.28 25.83 25.16
N LEU B 229 -19.16 24.51 25.17
CA LEU B 229 -19.32 23.71 23.96
C LEU B 229 -20.72 23.12 23.82
N ARG B 230 -21.49 23.02 24.90
CA ARG B 230 -22.84 22.52 24.81
C ARG B 230 -23.80 23.56 24.26
N LYS B 231 -23.57 24.84 24.54
CA LYS B 231 -24.41 25.91 24.02
C LYS B 231 -23.97 26.40 22.65
N SER B 232 -22.72 26.17 22.28
CA SER B 232 -22.25 26.62 20.97
C SER B 232 -22.79 25.75 19.85
N VAL B 233 -22.95 24.45 20.08
CA VAL B 233 -23.54 23.59 19.06
C VAL B 233 -25.02 23.87 18.91
N LYS B 234 -25.70 24.18 20.02
CA LYS B 234 -27.07 24.65 19.95
C LYS B 234 -27.18 25.99 19.22
N ARG B 235 -26.05 26.68 19.04
CA ARG B 235 -26.01 27.93 18.30
C ARG B 235 -25.65 27.72 16.83
N MET B 236 -24.73 26.80 16.54
CA MET B 236 -24.33 26.52 15.16
C MET B 236 -25.42 25.77 14.41
N VAL B 249 -24.16 19.43 2.59
CA VAL B 249 -24.27 18.46 3.67
C VAL B 249 -22.91 18.25 4.33
N ASP B 250 -22.85 18.45 5.64
CA ASP B 250 -21.60 18.31 6.38
C ASP B 250 -21.85 17.41 7.59
N PHE B 251 -20.94 17.46 8.56
CA PHE B 251 -21.07 16.62 9.76
C PHE B 251 -22.29 17.02 10.58
N LEU B 252 -22.53 18.31 10.76
CA LEU B 252 -23.69 18.76 11.50
C LEU B 252 -24.98 18.37 10.79
N GLN B 253 -25.03 18.59 9.47
CA GLN B 253 -26.24 18.30 8.71
C GLN B 253 -26.55 16.80 8.71
N LEU B 254 -25.52 15.96 8.65
CA LEU B 254 -25.73 14.52 8.58
C LEU B 254 -26.40 13.96 9.83
N MET B 255 -26.38 14.69 10.94
CA MET B 255 -26.99 14.22 12.18
C MET B 255 -28.38 14.80 12.40
N ILE B 256 -28.66 16.00 11.90
CA ILE B 256 -29.99 16.57 12.02
C ILE B 256 -30.97 15.85 11.09
N ASP B 257 -30.47 15.32 9.97
CA ASP B 257 -31.34 14.61 9.04
C ASP B 257 -31.80 13.27 9.62
N SER B 258 -30.96 12.62 10.42
CA SER B 258 -31.38 11.40 11.11
C SER B 258 -32.14 11.69 12.38
N GLN B 259 -32.00 12.89 12.94
CA GLN B 259 -32.75 13.28 14.12
C GLN B 259 -34.21 13.59 13.77
N ASN B 260 -34.43 14.20 12.61
CA ASN B 260 -35.77 14.52 12.14
C ASN B 260 -36.48 13.26 11.65
N ALA B 269 -32.62 7.33 17.05
CA ALA B 269 -33.13 7.92 18.29
C ALA B 269 -32.15 8.96 18.83
N LEU B 270 -31.45 9.64 17.91
CA LEU B 270 -30.45 10.62 18.27
C LEU B 270 -31.04 11.81 19.00
N SER B 271 -30.70 11.97 20.28
CA SER B 271 -31.20 13.07 21.09
C SER B 271 -30.24 14.26 21.01
N ASP B 272 -30.70 15.40 21.54
CA ASP B 272 -29.90 16.62 21.51
C ASP B 272 -28.75 16.59 22.51
N LEU B 273 -28.77 15.67 23.49
CA LEU B 273 -27.64 15.52 24.40
C LEU B 273 -26.53 14.68 23.76
N GLU B 274 -26.89 13.59 23.11
CA GLU B 274 -25.90 12.76 22.44
C GLU B 274 -25.28 13.48 21.25
N LEU B 275 -26.01 14.43 20.66
CA LEU B 275 -25.49 15.18 19.53
C LEU B 275 -24.27 16.01 19.94
N VAL B 276 -24.41 16.81 20.99
CA VAL B 276 -23.30 17.64 21.46
C VAL B 276 -22.12 16.77 21.86
N ALA B 277 -22.36 15.58 22.38
CA ALA B 277 -21.27 14.68 22.76
C ALA B 277 -20.32 14.42 21.59
N GLN B 278 -20.88 14.28 20.39
CA GLN B 278 -20.03 13.98 19.23
C GLN B 278 -19.26 15.21 18.77
N SER B 279 -19.87 16.39 18.85
CA SER B 279 -19.18 17.61 18.46
C SER B 279 -18.01 17.90 19.39
N ILE B 280 -18.12 17.54 20.67
CA ILE B 280 -16.99 17.66 21.58
C ILE B 280 -15.85 16.78 21.13
N ILE B 281 -16.16 15.62 20.56
CA ILE B 281 -15.14 14.68 20.13
C ILE B 281 -14.43 15.19 18.87
N PHE B 282 -15.20 15.54 17.84
CA PHE B 282 -14.62 15.99 16.58
C PHE B 282 -13.80 17.25 16.74
N ILE B 283 -14.22 18.17 17.61
CA ILE B 283 -13.51 19.44 17.77
C ILE B 283 -12.21 19.25 18.54
N PHE B 284 -12.25 18.46 19.62
CA PHE B 284 -11.02 18.19 20.36
C PHE B 284 -10.01 17.45 19.49
N ALA B 285 -10.46 16.40 18.80
CA ALA B 285 -9.56 15.64 17.95
C ALA B 285 -9.04 16.48 16.79
N GLY B 286 -9.95 17.13 16.06
CA GLY B 286 -9.53 17.92 14.91
C GLY B 286 -8.58 19.05 15.27
N TYR B 287 -8.64 19.53 16.51
CA TYR B 287 -7.76 20.60 16.94
C TYR B 287 -6.48 20.07 17.58
N GLU B 288 -6.62 19.26 18.64
CA GLU B 288 -5.46 18.88 19.43
C GLU B 288 -4.58 17.88 18.70
N THR B 289 -5.20 16.88 18.05
CA THR B 289 -4.42 15.84 17.39
C THR B 289 -3.73 16.37 16.14
N THR B 290 -4.38 17.31 15.42
CA THR B 290 -3.77 17.85 14.21
C THR B 290 -2.56 18.71 14.55
N SER B 291 -2.73 19.64 15.51
CA SER B 291 -1.66 20.60 15.79
C SER B 291 -0.43 19.91 16.36
N SER B 292 -0.62 18.89 17.20
CA SER B 292 0.52 18.24 17.84
C SER B 292 1.37 17.48 16.82
N VAL B 293 0.74 16.78 15.89
CA VAL B 293 1.49 16.03 14.89
C VAL B 293 2.23 16.98 13.95
N LEU B 294 1.56 18.04 13.50
CA LEU B 294 2.20 19.01 12.62
C LEU B 294 3.44 19.61 13.28
N SER B 295 3.39 19.82 14.59
CA SER B 295 4.58 20.27 15.31
C SER B 295 5.65 19.17 15.33
N PHE B 296 5.22 17.91 15.47
CA PHE B 296 6.16 16.80 15.40
C PHE B 296 6.77 16.68 14.00
N ILE B 297 5.99 17.00 12.96
CA ILE B 297 6.52 17.02 11.61
C ILE B 297 7.56 18.12 11.46
N MET B 298 7.17 19.35 11.82
CA MET B 298 8.06 20.49 11.63
C MET B 298 9.35 20.37 12.42
N TYR B 299 9.31 19.68 13.57
CA TYR B 299 10.53 19.47 14.32
C TYR B 299 11.51 18.58 13.57
N GLU B 300 11.01 17.49 12.98
CA GLU B 300 11.90 16.56 12.29
C GLU B 300 12.45 17.15 10.99
N LEU B 301 11.63 17.94 10.28
CA LEU B 301 12.12 18.57 9.06
C LEU B 301 13.20 19.59 9.36
N ALA B 302 13.09 20.31 10.48
CA ALA B 302 14.13 21.24 10.87
C ALA B 302 15.41 20.51 11.27
N THR B 303 15.27 19.39 11.99
CA THR B 303 16.44 18.62 12.39
C THR B 303 17.03 17.81 11.24
N HIS B 304 16.28 17.60 10.16
CA HIS B 304 16.75 16.89 8.98
C HIS B 304 16.56 17.79 7.77
N PRO B 305 17.51 18.70 7.50
CA PRO B 305 17.36 19.60 6.36
C PRO B 305 17.37 18.89 5.02
N ASP B 306 18.12 17.79 4.90
CA ASP B 306 18.09 17.02 3.67
C ASP B 306 16.73 16.39 3.42
N VAL B 307 15.92 16.23 4.47
CA VAL B 307 14.55 15.73 4.31
C VAL B 307 13.58 16.87 4.04
N GLN B 308 13.79 18.02 4.68
CA GLN B 308 12.93 19.18 4.42
C GLN B 308 13.13 19.71 3.01
N GLN B 309 14.40 19.82 2.59
CA GLN B 309 14.68 20.31 1.24
C GLN B 309 14.18 19.32 0.19
N LYS B 310 14.41 18.02 0.41
CA LYS B 310 13.92 17.00 -0.52
C LYS B 310 12.40 16.99 -0.61
N LEU B 311 11.72 17.41 0.46
CA LEU B 311 10.27 17.50 0.41
C LEU B 311 9.81 18.83 -0.20
N GLN B 312 10.60 19.89 -0.05
CA GLN B 312 10.26 21.16 -0.69
C GLN B 312 10.40 21.09 -2.20
N GLU B 313 11.31 20.25 -2.70
CA GLU B 313 11.48 20.11 -4.14
C GLU B 313 10.37 19.30 -4.79
N GLU B 314 9.75 18.40 -4.03
CA GLU B 314 8.64 17.61 -4.56
C GLU B 314 7.35 18.44 -4.67
N ILE B 315 7.15 19.38 -3.75
CA ILE B 315 5.93 20.17 -3.77
C ILE B 315 5.94 21.18 -4.93
N ASP B 316 7.13 21.66 -5.31
CA ASP B 316 7.23 22.61 -6.41
C ASP B 316 7.13 21.95 -7.78
N ALA B 317 7.31 20.63 -7.85
CA ALA B 317 7.23 19.91 -9.11
C ALA B 317 5.79 19.52 -9.46
N VAL B 318 5.04 19.00 -8.48
CA VAL B 318 3.63 18.69 -8.72
C VAL B 318 2.77 19.95 -8.70
N LEU B 319 3.28 21.05 -8.14
CA LEU B 319 2.54 22.31 -8.07
C LEU B 319 3.49 23.46 -8.39
N PRO B 320 3.70 23.74 -9.67
CA PRO B 320 4.60 24.83 -10.06
C PRO B 320 3.97 26.20 -9.85
N ASN B 321 4.85 27.20 -9.76
CA ASN B 321 4.45 28.60 -9.54
C ASN B 321 3.58 28.75 -8.30
N LYS B 322 3.83 27.90 -7.29
CA LYS B 322 3.02 27.85 -6.08
C LYS B 322 1.55 27.64 -6.42
N ALA B 323 1.30 26.67 -7.29
CA ALA B 323 -0.07 26.35 -7.68
C ALA B 323 -0.85 25.86 -6.47
N PRO B 324 -2.12 26.25 -6.32
CA PRO B 324 -2.92 25.78 -5.20
C PRO B 324 -3.08 24.27 -5.22
N PRO B 325 -2.93 23.60 -4.08
CA PRO B 325 -3.10 22.15 -4.06
C PRO B 325 -4.57 21.75 -4.00
N THR B 326 -4.91 20.72 -4.77
CA THR B 326 -6.24 20.16 -4.81
C THR B 326 -6.26 18.78 -4.15
N TYR B 327 -7.43 18.14 -4.18
CA TYR B 327 -7.60 16.85 -3.55
C TYR B 327 -6.66 15.81 -4.16
N ASP B 328 -6.44 15.88 -5.47
CA ASP B 328 -5.68 14.84 -6.16
C ASP B 328 -4.18 15.02 -6.03
N THR B 329 -3.70 16.26 -6.17
CA THR B 329 -2.26 16.51 -6.09
C THR B 329 -1.68 16.14 -4.73
N VAL B 330 -2.52 15.96 -3.72
CA VAL B 330 -2.04 15.52 -2.41
C VAL B 330 -1.69 14.03 -2.45
N LEU B 331 -2.56 13.22 -3.02
CA LEU B 331 -2.36 11.77 -3.03
C LEU B 331 -1.27 11.33 -3.99
N GLN B 332 -0.75 12.23 -4.83
CA GLN B 332 0.35 11.90 -5.73
CA GLN B 332 0.36 11.88 -5.72
C GLN B 332 1.71 12.01 -5.04
N MET B 333 1.83 12.92 -4.07
CA MET B 333 3.10 13.16 -3.38
C MET B 333 3.41 11.97 -2.47
N GLU B 334 4.41 11.18 -2.87
CA GLU B 334 4.78 9.98 -2.13
C GLU B 334 5.63 10.29 -0.91
N TYR B 335 6.62 11.17 -1.06
CA TYR B 335 7.50 11.51 0.07
C TYR B 335 6.72 12.15 1.20
N LEU B 336 5.78 13.05 0.86
CA LEU B 336 4.93 13.66 1.87
C LEU B 336 4.20 12.60 2.70
N ASP B 337 3.78 11.52 2.06
CA ASP B 337 3.15 10.42 2.79
C ASP B 337 4.18 9.66 3.62
N MET B 338 5.39 9.50 3.10
CA MET B 338 6.44 8.80 3.82
C MET B 338 7.03 9.63 4.96
N VAL B 339 6.82 10.94 4.95
CA VAL B 339 7.20 11.77 6.08
C VAL B 339 6.14 11.69 7.17
N VAL B 340 4.87 11.85 6.80
CA VAL B 340 3.77 11.74 7.76
C VAL B 340 3.77 10.37 8.41
N ASN B 341 4.03 9.32 7.62
CA ASN B 341 3.99 7.96 8.16
C ASN B 341 5.19 7.67 9.04
N GLU B 342 6.32 8.32 8.80
CA GLU B 342 7.49 8.12 9.65
C GLU B 342 7.37 8.89 10.96
N THR B 343 6.73 10.06 10.93
CA THR B 343 6.47 10.78 12.18
C THR B 343 5.46 10.03 13.04
N LEU B 344 4.33 9.64 12.44
CA LEU B 344 3.32 8.88 13.17
C LEU B 344 3.84 7.51 13.62
N ARG B 345 4.92 7.02 12.99
CA ARG B 345 5.63 5.89 13.57
C ARG B 345 6.40 6.32 14.81
N LEU B 346 7.05 7.49 14.76
CA LEU B 346 7.83 7.94 15.90
C LEU B 346 6.94 8.48 17.01
N PHE B 347 5.87 9.20 16.66
CA PHE B 347 5.02 9.88 17.65
C PHE B 347 3.57 9.46 17.49
N PRO B 348 3.24 8.20 17.81
CA PRO B 348 1.83 7.78 17.76
C PRO B 348 1.06 8.32 18.94
N ILE B 349 0.33 9.42 18.73
CA ILE B 349 -0.26 10.20 19.81
C ILE B 349 -1.23 9.41 20.67
N ALA B 350 -1.62 8.21 20.24
CA ALA B 350 -2.46 7.35 21.06
C ALA B 350 -1.65 6.45 21.99
N MET B 351 -0.39 6.16 21.64
CA MET B 351 0.54 5.40 22.47
C MET B 351 0.09 3.95 22.50
N ARG B 352 -1.13 3.69 22.95
CA ARG B 352 -1.64 2.33 23.07
C ARG B 352 -3.03 2.18 22.45
N LEU B 353 -3.33 0.96 22.03
CA LEU B 353 -4.68 0.54 21.67
C LEU B 353 -5.20 -0.39 22.76
N GLU B 354 -6.49 -0.28 23.06
CA GLU B 354 -7.09 -1.04 24.15
C GLU B 354 -8.43 -1.62 23.73
N ARG B 355 -8.65 -2.88 24.12
CA ARG B 355 -9.94 -3.55 23.97
C ARG B 355 -10.20 -4.35 25.23
N VAL B 356 -11.46 -4.41 25.64
CA VAL B 356 -11.86 -5.15 26.83
C VAL B 356 -12.42 -6.50 26.40
N CYS B 357 -11.75 -7.57 26.81
CA CYS B 357 -12.20 -8.93 26.53
C CYS B 357 -13.50 -9.19 27.29
N LYS B 358 -14.59 -9.38 26.56
CA LYS B 358 -15.92 -9.45 27.17
C LYS B 358 -16.37 -10.87 27.48
N LYS B 359 -15.55 -11.88 27.23
CA LYS B 359 -15.87 -13.26 27.57
C LYS B 359 -14.63 -14.13 27.37
N ASP B 360 -14.63 -15.29 28.00
CA ASP B 360 -13.50 -16.20 27.89
C ASP B 360 -13.24 -16.59 26.45
N VAL B 361 -11.99 -16.47 26.02
CA VAL B 361 -11.59 -16.82 24.66
C VAL B 361 -10.19 -17.44 24.69
N GLU B 362 -9.83 -18.08 23.58
CA GLU B 362 -8.54 -18.76 23.40
C GLU B 362 -8.08 -18.42 21.99
N ILE B 363 -7.41 -17.28 21.84
CA ILE B 363 -7.06 -16.74 20.53
C ILE B 363 -5.58 -17.00 20.26
N ASN B 364 -5.30 -17.57 19.09
CA ASN B 364 -3.93 -17.82 18.63
C ASN B 364 -3.14 -18.64 19.65
N GLY B 365 -3.82 -19.59 20.30
CA GLY B 365 -3.18 -20.49 21.22
C GLY B 365 -2.85 -19.90 22.57
N MET B 366 -3.79 -19.19 23.17
CA MET B 366 -3.56 -18.54 24.46
C MET B 366 -4.91 -18.18 25.08
N PHE B 367 -5.12 -18.61 26.31
CA PHE B 367 -6.37 -18.32 27.01
C PHE B 367 -6.39 -16.87 27.49
N ILE B 368 -7.46 -16.16 27.17
CA ILE B 368 -7.71 -14.83 27.70
C ILE B 368 -9.06 -14.85 28.41
N PRO B 369 -9.10 -14.67 29.72
CA PRO B 369 -10.38 -14.71 30.44
C PRO B 369 -11.16 -13.42 30.24
N LYS B 370 -12.41 -13.46 30.70
CA LYS B 370 -13.28 -12.28 30.63
C LYS B 370 -12.78 -11.21 31.59
N GLY B 371 -12.91 -9.95 31.17
CA GLY B 371 -12.57 -8.83 32.01
C GLY B 371 -11.17 -8.30 31.85
N VAL B 372 -10.28 -9.03 31.15
CA VAL B 372 -8.92 -8.54 30.93
C VAL B 372 -8.94 -7.45 29.86
N VAL B 373 -8.13 -6.42 30.04
CA VAL B 373 -7.92 -5.40 29.03
C VAL B 373 -6.74 -5.84 28.17
N VAL B 374 -7.00 -6.12 26.91
CA VAL B 374 -5.95 -6.46 25.95
C VAL B 374 -5.42 -5.17 25.35
N MET B 375 -4.10 -4.99 25.41
CA MET B 375 -3.48 -3.71 25.09
C MET B 375 -2.45 -3.89 23.99
N ILE B 376 -2.57 -3.11 22.93
CA ILE B 376 -1.62 -3.11 21.83
C ILE B 376 -0.65 -1.95 22.06
N PRO B 377 0.61 -2.22 22.43
CA PRO B 377 1.57 -1.14 22.76
C PRO B 377 2.14 -0.46 21.52
N SER B 378 1.30 0.39 20.91
CA SER B 378 1.62 0.98 19.61
C SER B 378 2.97 1.69 19.60
N TYR B 379 3.28 2.44 20.66
CA TYR B 379 4.55 3.15 20.71
C TYR B 379 5.73 2.18 20.73
N ALA B 380 5.66 1.15 21.58
CA ALA B 380 6.76 0.21 21.68
C ALA B 380 6.93 -0.58 20.39
N LEU B 381 5.83 -0.92 19.73
CA LEU B 381 5.91 -1.67 18.48
C LEU B 381 6.51 -0.83 17.36
N HIS B 382 6.16 0.46 17.32
CA HIS B 382 6.71 1.36 16.30
C HIS B 382 8.19 1.61 16.45
N ARG B 383 8.83 1.08 17.50
CA ARG B 383 10.26 1.25 17.70
C ARG B 383 10.97 -0.07 17.99
N ASP B 384 10.31 -1.19 17.77
CA ASP B 384 10.90 -2.50 17.99
C ASP B 384 12.05 -2.72 17.01
N PRO B 385 13.27 -3.02 17.47
CA PRO B 385 14.34 -3.36 16.53
C PRO B 385 14.05 -4.59 15.70
N LYS B 386 13.16 -5.47 16.17
CA LYS B 386 12.84 -6.67 15.41
C LYS B 386 12.06 -6.35 14.14
N TYR B 387 11.33 -5.23 14.13
CA TYR B 387 10.57 -4.82 12.96
C TYR B 387 11.07 -3.53 12.32
N TRP B 388 12.02 -2.84 12.95
CA TRP B 388 12.54 -1.59 12.41
C TRP B 388 14.04 -1.54 12.65
N THR B 389 14.80 -1.24 11.58
CA THR B 389 16.24 -1.07 11.68
C THR B 389 16.56 0.40 11.99
N GLU B 390 17.45 0.60 12.96
CA GLU B 390 17.76 1.94 13.46
C GLU B 390 16.48 2.71 13.81
N PRO B 391 15.67 2.19 14.73
CA PRO B 391 14.33 2.77 14.93
C PRO B 391 14.34 4.17 15.51
N GLU B 392 15.31 4.49 16.39
CA GLU B 392 15.35 5.82 16.98
C GLU B 392 15.56 6.89 15.93
N LYS B 393 16.23 6.56 14.83
CA LYS B 393 16.57 7.55 13.82
C LYS B 393 15.38 7.80 12.90
N PHE B 394 15.24 9.06 12.47
CA PHE B 394 14.13 9.49 11.63
C PHE B 394 14.52 9.29 10.17
N LEU B 395 13.81 8.38 9.49
CA LEU B 395 14.13 8.02 8.10
C LEU B 395 12.83 7.79 7.35
N PRO B 396 12.33 8.81 6.64
CA PRO B 396 11.10 8.63 5.85
C PRO B 396 11.23 7.56 4.75
N GLU B 397 12.43 7.00 4.60
CA GLU B 397 12.66 5.95 3.61
C GLU B 397 12.18 4.57 4.06
N ARG B 398 11.61 4.46 5.26
CA ARG B 398 11.02 3.19 5.67
C ARG B 398 9.71 2.91 4.95
N PHE B 399 9.02 3.95 4.49
CA PHE B 399 7.70 3.83 3.89
C PHE B 399 7.72 3.98 2.38
N SER B 400 8.90 3.97 1.76
CA SER B 400 8.98 3.99 0.31
C SER B 400 8.34 2.75 -0.28
N LYS B 401 7.86 2.87 -1.53
CA LYS B 401 7.15 1.77 -2.17
C LYS B 401 8.04 0.53 -2.28
N LYS B 402 9.35 0.71 -2.38
CA LYS B 402 10.25 -0.45 -2.38
C LYS B 402 10.26 -1.12 -1.01
N ASN B 403 10.37 -0.32 0.05
CA ASN B 403 10.45 -0.84 1.41
C ASN B 403 9.11 -0.92 2.12
N LYS B 404 8.04 -0.39 1.52
CA LYS B 404 6.71 -0.51 2.10
C LYS B 404 6.29 -1.96 2.29
N ASP B 405 6.87 -2.88 1.50
CA ASP B 405 6.53 -4.29 1.63
C ASP B 405 6.85 -4.81 3.03
N ASN B 406 7.97 -4.39 3.60
CA ASN B 406 8.46 -4.86 4.89
C ASN B 406 7.65 -4.32 6.08
N ILE B 407 6.47 -3.75 5.92
CA ILE B 407 5.75 -3.13 7.04
C ILE B 407 4.46 -3.90 7.28
N ASP B 408 4.35 -4.48 8.48
CA ASP B 408 3.15 -5.21 8.88
C ASP B 408 2.08 -4.21 9.31
N PRO B 409 0.85 -4.31 8.78
CA PRO B 409 -0.19 -3.33 9.14
C PRO B 409 -0.76 -3.49 10.54
N TYR B 410 -0.29 -4.48 11.30
CA TYR B 410 -0.70 -4.62 12.69
C TYR B 410 0.41 -4.28 13.67
N ILE B 411 1.62 -4.05 13.18
CA ILE B 411 2.70 -3.48 13.99
C ILE B 411 2.69 -1.96 13.93
N TYR B 412 2.48 -1.40 12.74
CA TYR B 412 2.34 0.04 12.56
C TYR B 412 0.85 0.35 12.46
N THR B 413 0.25 0.74 13.58
CA THR B 413 -1.18 1.05 13.67
C THR B 413 -1.38 2.38 14.37
N PRO B 414 -0.99 3.49 13.74
CA PRO B 414 -1.13 4.80 14.39
C PRO B 414 -2.57 5.26 14.50
N PHE B 415 -3.48 4.69 13.71
CA PHE B 415 -4.91 4.95 13.80
C PHE B 415 -5.68 3.74 14.29
N GLY B 416 -4.99 2.80 14.95
CA GLY B 416 -5.66 1.56 15.28
C GLY B 416 -5.87 0.70 14.05
N SER B 417 -6.91 -0.12 14.10
CA SER B 417 -7.26 -1.02 13.00
C SER B 417 -8.65 -1.58 13.29
N GLY B 418 -9.21 -2.23 12.26
CA GLY B 418 -10.46 -2.94 12.41
C GLY B 418 -11.67 -2.04 12.49
N PRO B 419 -12.82 -2.63 12.84
CA PRO B 419 -14.08 -1.87 12.83
C PRO B 419 -14.10 -0.69 13.78
N ARG B 420 -13.18 -0.65 14.75
CA ARG B 420 -13.11 0.42 15.73
C ARG B 420 -11.85 1.27 15.57
N ASN B 421 -11.37 1.43 14.34
CA ASN B 421 -10.19 2.24 14.09
C ASN B 421 -10.57 3.72 14.20
N CYS B 422 -9.64 4.60 13.85
CA CYS B 422 -9.93 6.03 13.87
C CYS B 422 -10.92 6.35 12.75
N ILE B 423 -12.07 6.93 13.12
CA ILE B 423 -13.07 7.27 12.12
C ILE B 423 -12.58 8.43 11.25
N GLY B 424 -11.74 9.29 11.80
CA GLY B 424 -11.27 10.44 11.06
C GLY B 424 -9.88 10.25 10.48
N MET B 425 -9.48 8.99 10.30
CA MET B 425 -8.15 8.71 9.76
C MET B 425 -7.99 9.30 8.37
N ARG B 426 -8.88 8.94 7.44
CA ARG B 426 -8.83 9.50 6.10
C ARG B 426 -9.01 11.02 6.14
N PHE B 427 -9.79 11.53 7.10
CA PHE B 427 -9.94 12.97 7.25
C PHE B 427 -8.67 13.59 7.81
N ALA B 428 -8.04 12.96 8.79
CA ALA B 428 -6.83 13.52 9.40
C ALA B 428 -5.64 13.44 8.45
N LEU B 429 -5.51 12.32 7.73
CA LEU B 429 -4.38 12.15 6.81
C LEU B 429 -4.44 13.16 5.67
N MET B 430 -5.63 13.54 5.24
CA MET B 430 -5.74 14.59 4.22
C MET B 430 -5.55 15.97 4.83
N ASN B 431 -6.24 16.25 5.94
CA ASN B 431 -6.20 17.58 6.53
C ASN B 431 -4.79 17.97 6.95
N MET B 432 -4.03 17.03 7.50
CA MET B 432 -2.64 17.32 7.87
C MET B 432 -1.79 17.56 6.62
N LYS B 433 -1.93 16.70 5.61
CA LYS B 433 -1.15 16.88 4.38
C LYS B 433 -1.54 18.16 3.65
N LEU B 434 -2.79 18.60 3.80
CA LEU B 434 -3.19 19.88 3.22
C LEU B 434 -2.44 21.03 3.87
N ALA B 435 -2.14 20.91 5.17
CA ALA B 435 -1.39 21.96 5.86
C ALA B 435 0.09 21.92 5.51
N LEU B 436 0.66 20.73 5.40
CA LEU B 436 2.10 20.61 5.19
C LEU B 436 2.52 21.11 3.81
N ILE B 437 1.60 21.08 2.84
CA ILE B 437 1.96 21.49 1.49
C ILE B 437 2.02 23.01 1.37
N ARG B 438 1.04 23.71 1.94
CA ARG B 438 0.98 25.16 1.82
C ARG B 438 2.03 25.88 2.66
N VAL B 439 2.90 25.15 3.36
CA VAL B 439 3.92 25.74 4.21
C VAL B 439 5.31 25.60 3.61
N LEU B 440 5.66 24.40 3.11
CA LEU B 440 6.96 24.20 2.49
C LEU B 440 7.07 24.83 1.11
N GLN B 441 6.00 25.44 0.60
CA GLN B 441 6.10 26.21 -0.64
C GLN B 441 6.62 27.61 -0.39
N ASN B 442 6.50 28.14 0.83
CA ASN B 442 6.84 29.51 1.12
C ASN B 442 7.88 29.69 2.21
N PHE B 443 8.10 28.71 3.07
CA PHE B 443 8.99 28.87 4.20
C PHE B 443 9.84 27.62 4.41
N SER B 444 11.08 27.84 4.84
CA SER B 444 11.95 26.80 5.34
C SER B 444 12.13 26.99 6.85
N PHE B 445 12.41 25.89 7.55
CA PHE B 445 12.42 25.89 9.01
C PHE B 445 13.77 25.42 9.52
N LYS B 446 14.39 26.23 10.37
CA LYS B 446 15.68 25.94 10.99
C LYS B 446 15.53 25.95 12.51
N PRO B 447 16.39 25.25 13.22
CA PRO B 447 16.39 25.33 14.68
C PRO B 447 16.60 26.76 15.16
N CYS B 448 16.28 26.97 16.44
CA CYS B 448 16.34 28.31 17.03
C CYS B 448 17.24 28.37 18.26
N LYS B 449 18.10 27.37 18.42
CA LYS B 449 18.98 27.24 19.59
C LYS B 449 18.14 26.92 20.83
N GLU B 450 17.15 27.76 21.14
CA GLU B 450 16.20 27.45 22.19
C GLU B 450 15.25 26.30 21.82
N THR B 451 15.36 25.77 20.60
CA THR B 451 14.62 24.57 20.24
C THR B 451 15.19 23.37 20.97
N GLN B 452 14.31 22.56 21.55
CA GLN B 452 14.73 21.39 22.30
C GLN B 452 15.19 20.30 21.33
N ILE B 453 16.50 20.06 21.27
CA ILE B 453 17.09 19.06 20.40
C ILE B 453 18.07 18.22 21.20
N PRO B 454 17.83 16.92 21.38
CA PRO B 454 16.67 16.20 20.85
C PRO B 454 15.38 16.51 21.62
N LEU B 455 14.24 16.35 20.96
CA LEU B 455 12.96 16.67 21.57
C LEU B 455 12.66 15.70 22.71
N LYS B 456 12.35 16.25 23.87
CA LYS B 456 12.04 15.44 25.06
C LYS B 456 10.54 15.21 25.18
N LEU B 457 10.13 13.95 25.09
CA LEU B 457 8.73 13.59 25.20
C LEU B 457 8.20 13.85 26.61
N SER B 458 6.92 14.21 26.69
CA SER B 458 6.28 14.48 27.98
C SER B 458 6.12 13.21 28.80
N LEU B 459 6.92 13.08 29.84
CA LEU B 459 6.87 11.91 30.71
C LEU B 459 5.56 11.87 31.50
N GLY B 460 4.62 12.73 31.12
CA GLY B 460 3.33 12.79 31.79
C GLY B 460 2.37 11.73 31.29
N GLY B 461 1.15 12.14 30.96
CA GLY B 461 0.14 11.22 30.48
C GLY B 461 0.10 11.15 28.97
N LEU B 462 -0.42 12.19 28.34
CA LEU B 462 -0.52 12.24 26.88
C LEU B 462 0.85 12.36 26.25
N LEU B 463 0.91 12.21 24.92
CA LEU B 463 2.16 12.31 24.19
C LEU B 463 2.33 13.73 23.66
N GLN B 464 3.30 14.45 24.21
CA GLN B 464 3.58 15.83 23.84
C GLN B 464 5.03 16.12 24.19
N PRO B 465 5.57 17.25 23.72
CA PRO B 465 6.91 17.64 24.15
C PRO B 465 6.87 18.38 25.48
N GLU B 466 7.96 18.25 26.24
CA GLU B 466 8.11 18.99 27.49
C GLU B 466 8.08 20.50 27.27
N LYS B 467 9.13 21.01 26.62
CA LYS B 467 9.14 22.42 26.25
C LYS B 467 8.44 22.56 24.90
N PRO B 468 7.68 23.64 24.70
CA PRO B 468 6.98 23.82 23.42
C PRO B 468 7.98 23.94 22.27
N VAL B 469 7.61 23.35 21.13
CA VAL B 469 8.47 23.39 19.96
C VAL B 469 8.51 24.80 19.40
N VAL B 470 9.72 25.31 19.15
CA VAL B 470 9.91 26.64 18.58
C VAL B 470 10.98 26.55 17.50
N LEU B 471 10.77 27.27 16.40
CA LEU B 471 11.68 27.22 15.27
C LEU B 471 11.75 28.58 14.59
N LYS B 472 12.87 28.84 13.93
CA LYS B 472 13.01 30.04 13.11
C LYS B 472 12.41 29.78 11.73
N VAL B 473 11.64 30.75 11.23
CA VAL B 473 10.94 30.63 9.96
C VAL B 473 11.58 31.58 8.97
N GLU B 474 12.16 31.01 7.90
CA GLU B 474 12.80 31.79 6.86
C GLU B 474 11.97 31.68 5.58
N SER B 475 11.63 32.83 5.00
CA SER B 475 10.78 32.86 3.82
C SER B 475 11.61 32.61 2.56
N ARG B 476 10.96 32.02 1.56
CA ARG B 476 11.61 31.72 0.29
C ARG B 476 11.31 32.78 -0.75
CHA HEM C . 1.49 -4.45 -15.67
CHB HEM C . 5.12 -7.69 -15.53
CHC HEM C . 2.16 -10.91 -13.43
CHD HEM C . -1.45 -7.66 -13.55
C1A HEM C . 2.72 -5.06 -15.85
C2A HEM C . 3.88 -4.49 -16.51
C3A HEM C . 4.86 -5.37 -16.47
C4A HEM C . 4.39 -6.55 -15.77
CMA HEM C . 6.29 -5.19 -17.05
CAA HEM C . 3.93 -3.08 -17.16
CBA HEM C . 4.70 -2.14 -16.24
CGA HEM C . 4.97 -0.85 -16.96
O1A HEM C . 5.85 -0.07 -16.49
O2A HEM C . 4.31 -0.59 -18.00
C1B HEM C . 4.64 -8.84 -14.92
C2B HEM C . 5.43 -10.00 -14.62
C3B HEM C . 4.61 -10.91 -14.03
C4B HEM C . 3.29 -10.32 -13.96
CMB HEM C . 6.95 -10.11 -14.94
CAB HEM C . 4.91 -12.33 -13.49
CBB HEM C . 6.13 -12.88 -13.44
C1C HEM C . 0.95 -10.28 -13.21
C2C HEM C . -0.15 -10.82 -12.44
C3C HEM C . -1.15 -9.94 -12.45
C4C HEM C . -0.73 -8.80 -13.26
CMC HEM C . -0.15 -12.18 -11.70
CAC HEM C . -2.51 -10.16 -11.72
CBC HEM C . -3.52 -9.29 -11.79
C1D HEM C . -0.99 -6.53 -14.20
C2D HEM C . -1.79 -5.40 -14.62
C3D HEM C . -0.98 -4.50 -15.21
C4D HEM C . 0.36 -5.04 -15.18
CMD HEM C . -3.32 -5.25 -14.43
CAD HEM C . -1.42 -3.15 -15.81
CBD HEM C . -0.80 -2.01 -15.00
CGD HEM C . -1.56 -0.74 -15.24
O1D HEM C . -2.00 -0.11 -14.23
O2D HEM C . -1.75 -0.35 -16.42
NA HEM C . 3.08 -6.33 -15.41
NB HEM C . 3.34 -9.05 -14.51
NC HEM C . 0.57 -9.05 -13.70
ND HEM C . 0.32 -6.28 -14.55
FE HEM C . 1.84 -7.68 -14.53
S SO4 D . 24.63 -20.32 -18.71
O1 SO4 D . 24.90 -21.77 -18.76
O2 SO4 D . 23.92 -19.92 -19.91
O3 SO4 D . 25.90 -19.61 -18.62
O4 SO4 D . 23.83 -20.01 -17.53
C12 X6S E . -3.36 -6.60 -23.24
C10 X6S E . -2.26 -3.70 -23.43
C14 X6S E . -4.75 -8.68 -23.21
C15 X6S E . -5.76 -9.30 -22.46
C17 X6S E . -4.78 -11.47 -22.84
C20 X6S E . -3.13 -6.24 -21.78
C01 X6S E . 0.79 -4.08 -27.73
C02 X6S E . 1.07 -2.62 -27.41
C03 X6S E . 2.34 -2.19 -28.18
C04 X6S E . -0.06 -1.70 -27.90
C06 X6S E . 0.29 -2.59 -25.11
C09 X6S E . -0.75 -4.12 -23.38
C13 X6S E . -4.73 -7.22 -23.41
C16 X6S E . -5.77 -10.68 -22.28
C18 X6S E . -3.77 -10.86 -23.57
C19 X6S E . -3.76 -9.48 -23.76
C23 X6S E . -1.87 -6.56 -19.59
C24 X6S E . -2.62 -7.40 -18.53
C25 X6S E . -1.99 -8.74 -18.12
C26 X6S E . -0.49 -8.77 -17.92
C27 X6S E . 0.41 -9.20 -18.90
C28 X6S E . 1.79 -9.21 -18.65
C29 X6S E . 2.25 -8.76 -17.41
C31 X6S E . 0.09 -8.34 -16.71
C32 X6S E . 0.01 -3.35 -22.23
C33 X6S E . 0.71 -4.14 -21.15
C34 X6S E . 1.80 -5.04 -21.40
C35 X6S E . 2.32 -5.27 -22.70
C36 X6S E . 3.35 -6.13 -22.92
C37 X6S E . 3.95 -6.83 -21.87
C38 X6S E . 3.48 -6.64 -20.59
C39 X6S E . 2.41 -5.75 -20.36
C40 X6S E . 1.96 -5.59 -19.04
C41 X6S E . 0.93 -4.73 -18.80
C42 X6S E . 0.31 -4.01 -19.84
N08 X6S E . -0.07 -3.88 -24.67
N22 X6S E . -2.14 -6.84 -20.99
N30 X6S E . 1.42 -8.34 -16.44
O05 X6S E . 1.36 -2.53 -25.99
O07 X6S E . -0.29 -1.58 -24.77
O21 X6S E . -3.84 -5.41 -21.21
S11 X6S E . -3.32 -5.00 -24.24
CHA HEM F . -10.20 6.66 17.22
CHB HEM F . -5.61 8.01 16.38
CHC HEM F . -7.23 12.19 14.55
CHD HEM F . -11.76 11.04 15.85
C1A HEM F . -8.82 6.66 17.16
C2A HEM F . -7.95 5.58 17.60
C3A HEM F . -6.68 5.96 17.37
C4A HEM F . -6.70 7.28 16.76
CMA HEM F . -5.40 5.15 17.68
CAA HEM F . -8.41 4.25 18.24
CBA HEM F . -8.22 3.07 17.30
CGA HEM F . -8.42 1.80 18.08
O1A HEM F . -8.29 0.70 17.48
O2A HEM F . -8.72 1.88 19.30
C1B HEM F . -5.64 9.24 15.75
C2B HEM F . -4.52 9.94 15.17
C3B HEM F . -4.97 11.10 14.67
C4B HEM F . -6.40 11.16 14.91
CMB HEM F . -3.07 9.38 15.18
CAB HEM F . -4.22 12.24 13.92
CBB HEM F . -2.92 12.22 13.59
C1C HEM F . -8.60 12.21 14.67
C2C HEM F . -9.49 13.17 14.06
C3C HEM F . -10.74 12.88 14.41
C4C HEM F . -10.70 11.70 15.26
CMC HEM F . -9.05 14.34 13.16
CAC HEM F . -11.98 13.69 13.94
CBC HEM F . -13.21 13.44 14.37
C1D HEM F . -11.74 9.77 16.38
C2D HEM F . -12.83 9.07 17.01
C3D HEM F . -12.41 7.87 17.39
C4D HEM F . -11.02 7.75 17.01
CMD HEM F . -14.25 9.65 17.20
CAD HEM F . -13.25 6.78 18.11
CBD HEM F . -14.02 5.94 17.12
CGD HEM F . -14.61 4.77 17.86
O1D HEM F . -15.38 3.99 17.23
O2D HEM F . -14.31 4.60 19.07
NA HEM F . -8.03 7.67 16.65
NB HEM F . -6.77 10.01 15.59
NC HEM F . -9.37 11.33 15.40
ND HEM F . -10.63 8.93 16.39
FE HEM F . -8.70 9.47 15.94
C12 X6S G . -11.83 10.50 25.46
C10 X6S G . -12.08 7.39 25.50
C14 X6S G . -12.19 13.02 25.62
C15 X6S G . -12.93 13.99 24.95
C17 X6S G . -11.13 15.60 25.17
C20 X6S G . -12.03 10.18 23.98
C01 X6S G . -8.42 6.48 29.09
C02 X6S G . -8.67 5.00 28.79
C03 X6S G . -7.46 4.19 29.30
C04 X6S G . -9.90 4.47 29.54
C06 X6S G . -9.84 5.32 26.69
C09 X6S G . -10.57 7.16 25.12
C13 X6S G . -12.75 11.66 25.87
C16 X6S G . -12.41 15.27 24.73
C18 X6S G . -10.39 14.64 25.83
C19 X6S G . -10.90 13.36 26.05
C23 X6S G . -11.09 10.03 21.59
C24 X6S G . -11.65 11.15 20.67
C25 X6S G . -10.64 12.09 19.98
C26 X6S G . -9.33 11.47 19.53
C27 X6S G . -8.16 11.53 20.26
C28 X6S G . -6.98 10.95 19.79
C29 X6S G . -6.99 10.32 18.55
C31 X6S G . -9.24 10.82 18.28
C32 X6S G . -10.43 6.17 23.91
C33 X6S G . -9.70 6.65 22.68
C34 X6S G . -8.32 7.04 22.68
C35 X6S G . -7.52 7.00 23.85
C36 X6S G . -6.20 7.38 23.82
C37 X6S G . -5.59 7.83 22.63
C38 X6S G . -6.33 7.88 21.49
C39 X6S G . -7.69 7.49 21.51
C40 X6S G . -8.41 7.56 20.30
C41 X6S G . -9.72 7.19 20.30
C42 X6S G . -10.36 6.73 21.48
N08 X6S G . -9.79 6.67 26.27
N22 X6S G . -11.00 10.30 23.02
N30 X6S G . -8.12 10.24 17.79
O05 X6S G . -8.72 4.85 27.35
O07 X6S G . -10.82 4.60 26.52
O21 X6S G . -13.12 9.81 23.54
S11 X6S G . -12.31 8.98 26.46
#